data_3S8V
#
_entry.id   3S8V
#
_cell.length_a   94.384
_cell.length_b   105.050
_cell.length_c   161.226
_cell.angle_alpha   90.00
_cell.angle_beta   90.00
_cell.angle_gamma   90.00
#
_symmetry.space_group_name_H-M   'P 21 21 21'
#
loop_
_entity.id
_entity.type
_entity.pdbx_description
1 polymer 'Low-density lipoprotein receptor-related protein 6'
2 polymer 'Dickkopf-related protein 1'
#
loop_
_entity_poly.entity_id
_entity_poly.type
_entity_poly.pdbx_seq_one_letter_code
_entity_poly.pdbx_strand_id
1 'polypeptide(L)'
;HHHHHHHHVPEAFLLFSRRADIRRISLETNNNNVAIPLTGVKEASALDFDVTDNRIYWTDISLKTISRAFMNGSALEHVV
EFGLDYPEGMAVDWLGKNLYWADTGTNRIEVSKLDGQHRQVLVWKDLDSPRALALDPAEGFMYWTEWGGKPKIDRAAMDG
SERTTLVPNVGRANGLTIDYAKRRLYWTDLDTNLIESSNMLGLNREVIADDLPHPFGLTQYQDYIYWTDWSRRSIERANK
TSGQNRTIIQGHLDYVMDILVFHSSRQSGWNECASSNGHCSHLCLAVPVGGFVCGCPAHYSLNADNRTCSAPTTFLLFSQ
KSAINRMVIDEQQSPDIILPIHSLRNVRAIDYDPLDKQLYWIDSRQNMIRKAQEDGSQGFTVVVSSVPSQNLEIQPYDLS
IDIYSRYIYWTCEATNVINVTRLDGRSVGVVLKGEQDRPRAIVVNPEKGYMYFTNLQERSPKIERAALDGTEREVLFFSG
LSKPIALALDSRLGKLFWADSDLRRIESSDLSGANRIVLEDSNILQPVGLTVFENWLYWIDKQQQMIEKIDMTGREGRTK
VQARIAQLSDIHAVKELNLQEYRQHPCAQDNGGCSHICLVKGDGTTRCSCPMHLVLLQDELSC
;
A,B
2 'polypeptide(L)'
;GPGSGQEGSVCLRSSDCASGLCCARHFWSKICKPVLKEGQVCTKHRRKGSHGLEIFQRCYCGEGLSCRIQKDHHQASNSS
RLHTCQRH
;
X
#
# COMPACT_ATOMS: atom_id res chain seq x y z
N VAL A 9 -11.70 -30.31 -24.99
CA VAL A 9 -12.78 -29.33 -24.64
C VAL A 9 -13.50 -29.67 -23.32
N PRO A 10 -12.80 -29.50 -22.17
CA PRO A 10 -13.42 -29.79 -20.88
C PRO A 10 -13.98 -28.54 -20.22
N GLU A 11 -14.48 -28.68 -19.00
CA GLU A 11 -15.07 -27.57 -18.24
C GLU A 11 -14.02 -26.57 -17.76
N ALA A 12 -14.40 -25.29 -17.72
CA ALA A 12 -13.53 -24.25 -17.17
C ALA A 12 -14.02 -23.79 -15.80
N PHE A 13 -13.10 -23.65 -14.85
CA PHE A 13 -13.45 -23.22 -13.49
C PHE A 13 -12.37 -22.39 -12.81
N LEU A 14 -12.68 -21.91 -11.61
CA LEU A 14 -11.77 -21.06 -10.83
C LEU A 14 -11.30 -21.79 -9.59
N LEU A 15 -10.05 -21.56 -9.22
CA LEU A 15 -9.48 -22.05 -7.97
C LEU A 15 -9.04 -20.87 -7.12
N PHE A 16 -9.33 -20.93 -5.83
CA PHE A 16 -8.83 -19.93 -4.89
C PHE A 16 -8.39 -20.53 -3.55
N SER A 17 -7.47 -19.84 -2.88
CA SER A 17 -6.96 -20.30 -1.60
C SER A 17 -7.49 -19.40 -0.49
N ARG A 18 -7.82 -20.00 0.65
CA ARG A 18 -8.27 -19.24 1.81
C ARG A 18 -7.59 -19.67 3.11
N ARG A 19 -6.27 -19.72 3.09
CA ARG A 19 -5.46 -20.01 4.29
C ARG A 19 -5.65 -21.44 4.81
N ALA A 20 -6.88 -21.77 5.19
CA ALA A 20 -7.16 -23.07 5.76
C ALA A 20 -7.22 -24.12 4.69
N ASP A 21 -7.74 -23.76 3.53
CA ASP A 21 -7.97 -24.71 2.45
C ASP A 21 -8.01 -24.03 1.08
N ILE A 22 -7.99 -24.84 0.03
CA ILE A 22 -8.06 -24.36 -1.34
C ILE A 22 -9.36 -24.85 -1.94
N ARG A 23 -10.14 -23.91 -2.47
CA ARG A 23 -11.49 -24.21 -2.94
C ARG A 23 -11.62 -24.09 -4.45
N ARG A 24 -12.68 -24.69 -4.96
CA ARG A 24 -12.90 -24.81 -6.39
C ARG A 24 -14.33 -24.39 -6.68
N ILE A 25 -14.48 -23.46 -7.62
CA ILE A 25 -15.80 -22.96 -8.03
C ILE A 25 -15.88 -22.80 -9.54
N SER A 26 -17.09 -22.86 -10.07
CA SER A 26 -17.30 -22.59 -11.50
C SER A 26 -17.37 -21.09 -11.73
N LEU A 27 -17.42 -20.70 -13.00
CA LEU A 27 -17.62 -19.30 -13.39
C LEU A 27 -19.09 -18.93 -13.29
N GLU A 28 -19.94 -19.95 -13.09
CA GLU A 28 -21.38 -19.74 -13.04
C GLU A 28 -21.81 -18.80 -11.94
N THR A 29 -22.83 -18.02 -12.26
CA THR A 29 -23.20 -16.81 -11.52
C THR A 29 -23.32 -16.93 -9.99
N ASN A 30 -23.61 -18.13 -9.47
CA ASN A 30 -23.65 -18.35 -8.02
C ASN A 30 -23.57 -19.81 -7.56
N ASN A 31 -22.80 -20.61 -8.30
CA ASN A 31 -22.76 -22.06 -8.17
C ASN A 31 -22.17 -22.58 -6.86
N ASN A 32 -21.83 -23.86 -6.85
CA ASN A 32 -21.27 -24.57 -5.70
C ASN A 32 -19.85 -24.16 -5.36
N ASN A 33 -19.48 -24.38 -4.10
CA ASN A 33 -18.18 -24.00 -3.56
C ASN A 33 -17.56 -25.13 -2.73
N VAL A 34 -16.89 -26.06 -3.40
CA VAL A 34 -16.28 -27.22 -2.75
C VAL A 34 -14.82 -26.93 -2.40
N ALA A 35 -14.21 -27.82 -1.62
CA ALA A 35 -12.79 -27.73 -1.32
C ALA A 35 -12.04 -28.90 -1.93
N ILE A 36 -10.80 -28.66 -2.34
CA ILE A 36 -9.95 -29.73 -2.84
C ILE A 36 -9.46 -30.52 -1.62
N PRO A 37 -9.59 -31.87 -1.66
CA PRO A 37 -9.26 -32.75 -0.54
C PRO A 37 -7.76 -32.88 -0.23
N LEU A 38 -7.18 -31.83 0.31
CA LEU A 38 -5.78 -31.83 0.70
C LEU A 38 -5.64 -32.08 2.21
N THR A 39 -4.46 -32.54 2.63
CA THR A 39 -4.21 -32.89 4.03
C THR A 39 -3.02 -32.15 4.62
N GLY A 40 -3.24 -31.52 5.76
CA GLY A 40 -2.19 -30.87 6.53
C GLY A 40 -1.76 -29.51 6.03
N VAL A 41 -2.70 -28.78 5.42
CA VAL A 41 -2.45 -27.41 4.98
C VAL A 41 -2.88 -26.43 6.09
N LYS A 42 -1.99 -25.50 6.44
CA LYS A 42 -2.28 -24.56 7.53
C LYS A 42 -2.51 -23.12 7.08
N GLU A 43 -1.61 -22.61 6.24
CA GLU A 43 -1.69 -21.24 5.75
C GLU A 43 -1.32 -21.13 4.27
N ALA A 44 -2.23 -21.59 3.42
CA ALA A 44 -2.04 -21.55 1.98
C ALA A 44 -2.05 -20.12 1.44
N SER A 45 -1.16 -19.83 0.49
CA SER A 45 -1.14 -18.54 -0.18
C SER A 45 -1.10 -18.65 -1.70
N ALA A 46 0.08 -18.92 -2.25
CA ALA A 46 0.26 -18.92 -3.70
C ALA A 46 -0.29 -20.17 -4.36
N LEU A 47 -1.04 -19.97 -5.44
CA LEU A 47 -1.65 -21.07 -6.19
C LEU A 47 -1.06 -21.23 -7.59
N ASP A 48 -1.21 -22.43 -8.12
CA ASP A 48 -1.01 -22.72 -9.54
C ASP A 48 -1.30 -24.19 -9.83
N PHE A 49 -1.41 -24.51 -11.12
CA PHE A 49 -1.88 -25.81 -11.55
C PHE A 49 -1.06 -26.36 -12.71
N ASP A 50 -1.34 -27.60 -13.09
CA ASP A 50 -0.72 -28.25 -14.24
C ASP A 50 -1.80 -29.13 -14.90
N VAL A 51 -2.24 -28.74 -16.10
CA VAL A 51 -3.41 -29.37 -16.74
C VAL A 51 -3.13 -30.77 -17.24
N THR A 52 -2.00 -30.94 -17.94
CA THR A 52 -1.60 -32.24 -18.47
C THR A 52 -1.51 -33.27 -17.34
N ASP A 53 -0.92 -32.86 -16.23
CA ASP A 53 -0.74 -33.69 -15.04
C ASP A 53 -2.02 -33.75 -14.20
N ASN A 54 -2.85 -32.71 -14.30
CA ASN A 54 -4.02 -32.50 -13.44
C ASN A 54 -3.62 -32.30 -11.97
N ARG A 55 -2.43 -31.73 -11.76
CA ARG A 55 -1.89 -31.50 -10.43
C ARG A 55 -2.05 -30.05 -10.02
N ILE A 56 -2.26 -29.82 -8.74
CA ILE A 56 -2.30 -28.48 -8.17
C ILE A 56 -1.01 -28.24 -7.38
N TYR A 57 -0.58 -26.96 -7.33
CA TYR A 57 0.68 -26.57 -6.70
C TYR A 57 0.42 -25.38 -5.78
N TRP A 58 0.65 -25.57 -4.49
CA TRP A 58 0.40 -24.50 -3.53
C TRP A 58 1.56 -24.20 -2.58
N THR A 59 1.44 -23.05 -1.92
CA THR A 59 2.45 -22.57 -1.01
C THR A 59 1.85 -22.40 0.38
N ASP A 60 2.43 -23.08 1.36
CA ASP A 60 2.06 -22.85 2.74
C ASP A 60 3.10 -21.93 3.40
N ILE A 61 2.63 -20.91 4.11
CA ILE A 61 3.55 -19.98 4.77
C ILE A 61 3.70 -20.27 6.27
N SER A 62 2.79 -21.09 6.81
CA SER A 62 2.94 -21.56 8.19
C SER A 62 3.94 -22.71 8.19
N LEU A 63 3.79 -23.61 7.23
CA LEU A 63 4.68 -24.77 7.10
C LEU A 63 6.01 -24.37 6.46
N LYS A 64 6.00 -23.23 5.76
CA LYS A 64 7.17 -22.70 5.05
C LYS A 64 7.55 -23.64 3.91
N THR A 65 6.56 -24.10 3.15
CA THR A 65 6.78 -25.14 2.13
C THR A 65 5.97 -24.95 0.84
N ILE A 66 6.44 -25.55 -0.25
CA ILE A 66 5.70 -25.59 -1.50
C ILE A 66 5.35 -27.04 -1.82
N SER A 67 4.05 -27.33 -1.92
CA SER A 67 3.60 -28.71 -2.04
C SER A 67 2.79 -28.92 -3.31
N ARG A 68 2.57 -30.19 -3.66
CA ARG A 68 1.70 -30.53 -4.78
C ARG A 68 0.85 -31.76 -4.48
N ALA A 69 -0.21 -31.92 -5.26
CA ALA A 69 -1.11 -33.06 -5.15
C ALA A 69 -2.06 -33.01 -6.33
N PHE A 70 -2.63 -34.14 -6.67
CA PHE A 70 -3.64 -34.22 -7.71
C PHE A 70 -4.94 -33.60 -7.21
N MET A 71 -5.82 -33.22 -8.13
CA MET A 71 -7.10 -32.58 -7.81
C MET A 71 -7.99 -33.46 -6.92
N ASN A 72 -7.89 -34.78 -7.09
CA ASN A 72 -8.58 -35.72 -6.21
C ASN A 72 -7.93 -35.84 -4.82
N GLY A 73 -6.76 -35.22 -4.66
CA GLY A 73 -6.11 -35.11 -3.36
C GLY A 73 -5.02 -36.15 -3.08
N SER A 74 -4.98 -37.18 -3.91
CA SER A 74 -4.00 -38.26 -3.76
C SER A 74 -2.60 -37.82 -4.20
N ALA A 75 -1.59 -38.46 -3.63
CA ALA A 75 -0.17 -38.20 -3.95
C ALA A 75 0.37 -36.86 -3.43
N LEU A 76 -0.12 -36.43 -2.26
CA LEU A 76 0.35 -35.20 -1.64
C LEU A 76 1.82 -35.36 -1.24
N GLU A 77 2.67 -34.48 -1.77
CA GLU A 77 4.11 -34.54 -1.55
C GLU A 77 4.74 -33.15 -1.51
N HIS A 78 5.62 -32.93 -0.54
CA HIS A 78 6.36 -31.67 -0.44
C HIS A 78 7.44 -31.59 -1.52
N VAL A 79 7.41 -30.49 -2.28
CA VAL A 79 8.28 -30.30 -3.43
C VAL A 79 9.46 -29.42 -3.03
N VAL A 80 9.24 -28.53 -2.07
CA VAL A 80 10.29 -27.69 -1.52
C VAL A 80 10.08 -27.55 -0.02
N GLU A 81 10.98 -28.15 0.76
CA GLU A 81 10.89 -28.10 2.23
C GLU A 81 11.88 -27.14 2.88
N PHE A 82 12.96 -26.81 2.18
CA PHE A 82 14.02 -26.03 2.79
C PHE A 82 14.24 -24.64 2.19
N GLY A 83 14.91 -23.80 2.97
CA GLY A 83 15.35 -22.48 2.53
C GLY A 83 14.26 -21.46 2.23
N LEU A 84 13.03 -21.74 2.66
CA LEU A 84 11.94 -20.80 2.44
C LEU A 84 11.68 -19.92 3.65
N ASP A 85 10.87 -18.90 3.45
CA ASP A 85 10.46 -17.97 4.50
C ASP A 85 9.01 -17.62 4.20
N TYR A 86 8.79 -16.59 3.39
CA TYR A 86 7.45 -16.31 2.89
C TYR A 86 7.45 -16.48 1.40
N PRO A 87 7.01 -17.66 0.92
CA PRO A 87 6.89 -17.88 -0.51
C PRO A 87 5.51 -17.38 -0.99
N GLU A 88 5.39 -16.09 -1.23
CA GLU A 88 4.09 -15.47 -1.51
C GLU A 88 3.58 -15.62 -2.94
N GLY A 89 4.50 -15.82 -3.87
CA GLY A 89 4.15 -16.07 -5.27
C GLY A 89 4.84 -17.30 -5.84
N MET A 90 4.25 -17.86 -6.88
CA MET A 90 4.74 -19.10 -7.47
C MET A 90 3.91 -19.44 -8.71
N ALA A 91 4.59 -19.74 -9.80
CA ALA A 91 3.92 -20.12 -11.03
C ALA A 91 4.49 -21.41 -11.61
N VAL A 92 3.68 -22.09 -12.41
CA VAL A 92 4.06 -23.35 -13.03
C VAL A 92 4.32 -23.13 -14.52
N ASP A 93 5.50 -23.50 -14.96
CA ASP A 93 5.87 -23.48 -16.38
C ASP A 93 5.52 -24.85 -16.98
N TRP A 94 4.48 -24.87 -17.81
CA TRP A 94 3.92 -26.13 -18.33
C TRP A 94 4.73 -26.78 -19.47
N LEU A 95 5.58 -25.99 -20.11
CA LEU A 95 6.34 -26.44 -21.27
C LEU A 95 7.68 -27.00 -20.85
N GLY A 96 8.39 -26.27 -20.00
CA GLY A 96 9.64 -26.76 -19.43
C GLY A 96 9.45 -27.76 -18.31
N LYS A 97 8.24 -27.85 -17.76
CA LYS A 97 7.97 -28.63 -16.56
C LYS A 97 8.90 -28.20 -15.42
N ASN A 98 8.84 -26.91 -15.11
CA ASN A 98 9.59 -26.30 -14.03
C ASN A 98 8.67 -25.52 -13.11
N LEU A 99 9.04 -25.45 -11.83
CA LEU A 99 8.30 -24.66 -10.85
C LEU A 99 9.05 -23.37 -10.54
N TYR A 100 8.35 -22.26 -10.61
CA TYR A 100 8.94 -20.96 -10.28
C TYR A 100 8.28 -20.40 -9.05
N TRP A 101 9.08 -19.90 -8.11
CA TRP A 101 8.53 -19.29 -6.91
C TRP A 101 9.29 -18.07 -6.44
N ALA A 102 8.58 -17.20 -5.72
CA ALA A 102 9.16 -15.98 -5.22
C ALA A 102 8.93 -15.86 -3.72
N ASP A 103 10.04 -15.80 -3.00
CA ASP A 103 10.01 -15.68 -1.57
C ASP A 103 10.26 -14.24 -1.20
N THR A 104 9.22 -13.62 -0.64
CA THR A 104 9.29 -12.22 -0.22
C THR A 104 10.17 -12.05 1.01
N GLY A 105 10.40 -13.14 1.75
CA GLY A 105 11.24 -13.11 2.94
C GLY A 105 12.71 -13.17 2.59
N THR A 106 13.12 -14.24 1.92
CA THR A 106 14.51 -14.42 1.48
C THR A 106 14.88 -13.47 0.33
N ASN A 107 13.87 -12.81 -0.25
CA ASN A 107 14.01 -11.94 -1.43
C ASN A 107 14.72 -12.65 -2.58
N ARG A 108 14.12 -13.75 -3.03
CA ARG A 108 14.69 -14.57 -4.10
C ARG A 108 13.58 -15.11 -5.00
N ILE A 109 13.82 -15.04 -6.31
CA ILE A 109 13.02 -15.77 -7.29
C ILE A 109 13.81 -17.01 -7.70
N GLU A 110 13.20 -18.18 -7.52
CA GLU A 110 13.92 -19.44 -7.68
C GLU A 110 13.24 -20.35 -8.70
N VAL A 111 13.92 -21.43 -9.05
CA VAL A 111 13.36 -22.41 -9.99
C VAL A 111 13.87 -23.82 -9.70
N SER A 112 13.00 -24.80 -9.92
CA SER A 112 13.38 -26.21 -9.87
C SER A 112 12.48 -26.96 -10.85
N LYS A 113 12.73 -28.24 -11.02
CA LYS A 113 11.79 -29.08 -11.74
C LYS A 113 10.49 -29.15 -10.94
N LEU A 114 9.39 -29.48 -11.62
CA LEU A 114 8.10 -29.58 -10.95
C LEU A 114 8.15 -30.44 -9.71
N ASP A 115 8.94 -31.52 -9.76
CA ASP A 115 9.04 -32.47 -8.66
C ASP A 115 9.87 -31.96 -7.49
N GLY A 116 10.65 -30.90 -7.73
CA GLY A 116 11.45 -30.28 -6.68
C GLY A 116 12.95 -30.36 -6.92
N GLN A 117 13.35 -31.31 -7.77
CA GLN A 117 14.75 -31.57 -8.07
C GLN A 117 15.45 -30.41 -8.75
N HIS A 118 16.77 -30.35 -8.58
CA HIS A 118 17.66 -29.41 -9.27
C HIS A 118 17.30 -27.95 -9.04
N ARG A 119 17.00 -27.61 -7.80
CA ARG A 119 16.68 -26.24 -7.40
C ARG A 119 17.83 -25.27 -7.68
N GLN A 120 17.48 -24.10 -8.19
CA GLN A 120 18.42 -23.07 -8.64
C GLN A 120 17.88 -21.68 -8.28
N VAL A 121 18.79 -20.72 -8.08
CA VAL A 121 18.38 -19.34 -7.80
C VAL A 121 18.58 -18.45 -9.04
N LEU A 122 17.47 -17.90 -9.54
CA LEU A 122 17.48 -17.09 -10.77
C LEU A 122 17.84 -15.62 -10.58
N VAL A 123 17.21 -14.98 -9.59
CA VAL A 123 17.49 -13.57 -9.25
C VAL A 123 17.45 -13.37 -7.73
N TRP A 124 18.45 -12.67 -7.20
CA TRP A 124 18.61 -12.52 -5.76
C TRP A 124 19.27 -11.20 -5.38
N LYS A 125 20.02 -10.63 -6.31
CA LYS A 125 20.75 -9.38 -6.08
C LYS A 125 19.86 -8.20 -6.42
N ASP A 126 19.98 -7.12 -5.64
CA ASP A 126 19.22 -5.87 -5.84
C ASP A 126 17.72 -6.12 -6.00
N LEU A 127 17.23 -7.10 -5.25
CA LEU A 127 15.83 -7.50 -5.27
C LEU A 127 15.20 -7.15 -3.93
N ASP A 128 14.11 -6.38 -3.96
CA ASP A 128 13.43 -5.98 -2.73
C ASP A 128 12.46 -7.05 -2.22
N SER A 129 11.21 -7.05 -2.69
CA SER A 129 10.24 -8.03 -2.21
C SER A 129 9.36 -8.63 -3.31
N PRO A 130 9.84 -9.71 -3.95
CA PRO A 130 9.09 -10.37 -5.01
C PRO A 130 7.85 -11.06 -4.43
N ARG A 131 6.69 -10.57 -4.82
CA ARG A 131 5.45 -11.11 -4.32
C ARG A 131 4.80 -11.97 -5.40
N ALA A 132 4.04 -11.35 -6.30
CA ALA A 132 3.32 -12.08 -7.34
C ALA A 132 4.23 -12.41 -8.51
N LEU A 133 3.87 -13.42 -9.29
CA LEU A 133 4.74 -13.98 -10.30
C LEU A 133 3.93 -14.65 -11.42
N ALA A 134 4.15 -14.19 -12.65
CA ALA A 134 3.47 -14.73 -13.83
C ALA A 134 4.49 -15.15 -14.90
N LEU A 135 4.30 -16.35 -15.44
CA LEU A 135 5.20 -16.85 -16.47
C LEU A 135 4.58 -16.84 -17.85
N ASP A 136 5.40 -16.52 -18.85
CA ASP A 136 5.03 -16.71 -20.25
C ASP A 136 6.20 -17.39 -20.96
N PRO A 137 6.25 -18.73 -20.88
CA PRO A 137 7.38 -19.48 -21.42
C PRO A 137 7.36 -19.57 -22.95
N ALA A 138 6.18 -19.41 -23.54
CA ALA A 138 6.03 -19.35 -24.99
C ALA A 138 6.88 -18.24 -25.59
N GLU A 139 7.06 -17.16 -24.82
CA GLU A 139 7.86 -16.01 -25.25
C GLU A 139 9.21 -15.90 -24.54
N GLY A 140 9.44 -16.74 -23.53
CA GLY A 140 10.70 -16.74 -22.77
C GLY A 140 10.85 -15.74 -21.63
N PHE A 141 9.78 -15.01 -21.32
CA PHE A 141 9.82 -14.00 -20.26
C PHE A 141 9.07 -14.42 -19.00
N MET A 142 9.56 -13.95 -17.85
CA MET A 142 8.81 -14.03 -16.60
C MET A 142 8.56 -12.64 -16.03
N TYR A 143 7.45 -12.48 -15.33
CA TYR A 143 7.05 -11.19 -14.79
C TYR A 143 6.77 -11.35 -13.31
N TRP A 144 7.19 -10.37 -12.51
CA TRP A 144 6.86 -10.39 -11.09
C TRP A 144 6.62 -9.01 -10.52
N THR A 145 5.73 -8.95 -9.54
CA THR A 145 5.51 -7.73 -8.79
C THR A 145 6.58 -7.66 -7.71
N GLU A 146 7.00 -6.44 -7.39
CA GLU A 146 7.89 -6.18 -6.26
C GLU A 146 7.15 -5.24 -5.32
N TRP A 147 7.27 -5.50 -4.04
CA TRP A 147 6.61 -4.68 -3.03
C TRP A 147 7.64 -3.75 -2.42
N GLY A 148 7.91 -3.90 -1.13
CA GLY A 148 8.97 -3.15 -0.45
C GLY A 148 8.82 -1.64 -0.45
N GLY A 149 9.95 -0.94 -0.41
CA GLY A 149 9.99 0.51 -0.27
C GLY A 149 9.50 1.28 -1.48
N LYS A 150 9.88 0.84 -2.67
CA LYS A 150 9.44 1.47 -3.91
C LYS A 150 8.94 0.37 -4.85
N PRO A 151 7.67 0.00 -4.72
CA PRO A 151 7.08 -1.07 -5.52
C PRO A 151 7.18 -0.84 -7.02
N LYS A 152 7.16 -1.94 -7.78
CA LYS A 152 7.32 -1.93 -9.25
C LYS A 152 7.06 -3.31 -9.88
N ILE A 153 6.92 -3.33 -11.20
CA ILE A 153 6.76 -4.59 -11.92
C ILE A 153 7.96 -4.84 -12.82
N ASP A 154 8.75 -5.85 -12.46
CA ASP A 154 9.97 -6.22 -13.16
C ASP A 154 9.73 -7.41 -14.08
N ARG A 155 10.50 -7.45 -15.18
CA ARG A 155 10.47 -8.56 -16.13
C ARG A 155 11.89 -9.04 -16.41
N ALA A 156 12.04 -10.37 -16.50
CA ALA A 156 13.32 -10.97 -16.84
C ALA A 156 13.09 -12.23 -17.65
N ALA A 157 14.07 -12.58 -18.47
CA ALA A 157 14.05 -13.85 -19.20
C ALA A 157 13.96 -14.97 -18.20
N MET A 158 13.25 -16.04 -18.56
CA MET A 158 12.96 -17.11 -17.61
C MET A 158 14.16 -17.92 -17.14
N ASP A 159 15.37 -17.46 -17.47
CA ASP A 159 16.59 -18.08 -16.97
C ASP A 159 17.25 -17.23 -15.88
N GLY A 160 16.82 -15.97 -15.78
CA GLY A 160 17.37 -15.02 -14.83
C GLY A 160 17.94 -13.77 -15.49
N SER A 161 18.26 -13.87 -16.77
CA SER A 161 18.95 -12.81 -17.53
C SER A 161 18.00 -11.72 -18.03
N GLU A 162 18.57 -10.61 -18.49
CA GLU A 162 17.85 -9.48 -19.09
C GLU A 162 16.81 -8.84 -18.15
N ARG A 163 17.16 -8.70 -16.87
CA ARG A 163 16.22 -8.16 -15.90
C ARG A 163 16.03 -6.66 -16.05
N THR A 164 14.78 -6.26 -16.25
CA THR A 164 14.41 -4.86 -16.38
C THR A 164 13.14 -4.56 -15.57
N THR A 165 12.88 -3.28 -15.33
CA THR A 165 11.70 -2.87 -14.58
C THR A 165 10.66 -2.19 -15.50
N LEU A 166 9.60 -2.93 -15.81
CA LEU A 166 8.56 -2.51 -16.75
C LEU A 166 7.67 -1.38 -16.25
N VAL A 167 7.04 -1.60 -15.10
CA VAL A 167 6.11 -0.63 -14.54
C VAL A 167 6.71 -0.07 -13.26
N PRO A 168 7.10 1.21 -13.26
CA PRO A 168 7.91 1.76 -12.19
C PRO A 168 7.11 2.48 -11.09
N ASN A 169 5.97 3.06 -11.45
CA ASN A 169 5.19 3.90 -10.56
C ASN A 169 3.87 3.26 -10.19
N VAL A 170 3.94 2.24 -9.34
CA VAL A 170 2.75 1.57 -8.84
C VAL A 170 2.84 1.32 -7.34
N GLY A 171 1.69 1.03 -6.73
CA GLY A 171 1.67 0.57 -5.35
C GLY A 171 1.96 -0.92 -5.29
N ARG A 172 1.54 -1.56 -4.19
CA ARG A 172 1.74 -2.99 -4.07
C ARG A 172 0.78 -3.69 -5.01
N ALA A 173 1.32 -4.33 -6.02
CA ALA A 173 0.51 -5.03 -7.01
C ALA A 173 0.42 -6.49 -6.65
N ASN A 174 -0.72 -7.12 -6.93
CA ASN A 174 -0.88 -8.51 -6.51
C ASN A 174 -1.45 -9.53 -7.49
N GLY A 175 -2.52 -9.19 -8.20
CA GLY A 175 -3.05 -10.14 -9.15
C GLY A 175 -2.22 -9.96 -10.40
N LEU A 176 -1.24 -10.81 -10.65
CA LEU A 176 -0.46 -10.61 -11.86
C LEU A 176 -0.79 -11.71 -12.85
N THR A 177 -1.55 -11.36 -13.88
CA THR A 177 -2.09 -12.36 -14.80
C THR A 177 -2.01 -11.91 -16.26
N ILE A 178 -1.35 -12.74 -17.07
CA ILE A 178 -1.12 -12.44 -18.48
C ILE A 178 -2.27 -12.92 -19.32
N ASP A 179 -2.91 -12.01 -20.06
CA ASP A 179 -3.87 -12.39 -21.07
C ASP A 179 -3.10 -12.87 -22.28
N TYR A 180 -2.83 -14.18 -22.33
CA TYR A 180 -1.95 -14.77 -23.35
C TYR A 180 -2.41 -14.49 -24.78
N ALA A 181 -3.73 -14.39 -24.96
CA ALA A 181 -4.33 -14.17 -26.26
C ALA A 181 -4.19 -12.72 -26.72
N LYS A 182 -4.63 -11.79 -25.88
CA LYS A 182 -4.65 -10.38 -26.26
C LYS A 182 -3.35 -9.64 -25.95
N ARG A 183 -2.40 -10.35 -25.34
CA ARG A 183 -1.06 -9.83 -25.03
C ARG A 183 -1.06 -8.62 -24.07
N ARG A 184 -1.83 -8.73 -23.00
CA ARG A 184 -1.94 -7.66 -21.99
C ARG A 184 -1.70 -8.17 -20.56
N LEU A 185 -1.32 -7.26 -19.67
CA LEU A 185 -1.08 -7.58 -18.26
C LEU A 185 -2.11 -6.91 -17.36
N TYR A 186 -2.77 -7.71 -16.51
CA TYR A 186 -3.72 -7.16 -15.52
C TYR A 186 -3.19 -7.39 -14.12
N TRP A 187 -3.34 -6.38 -13.28
CA TRP A 187 -2.94 -6.47 -11.86
C TRP A 187 -3.82 -5.65 -10.95
N THR A 188 -3.93 -6.07 -9.69
CA THR A 188 -4.55 -5.26 -8.64
C THR A 188 -3.50 -4.34 -8.00
N ASP A 189 -3.95 -3.19 -7.52
CA ASP A 189 -3.10 -2.31 -6.72
C ASP A 189 -3.73 -2.10 -5.34
N LEU A 190 -3.00 -2.47 -4.30
CA LEU A 190 -3.52 -2.43 -2.93
C LEU A 190 -3.51 -1.04 -2.32
N ASP A 191 -2.63 -0.17 -2.80
CA ASP A 191 -2.46 1.17 -2.20
C ASP A 191 -3.31 2.22 -2.89
N THR A 192 -3.78 1.92 -4.09
CA THR A 192 -4.64 2.83 -4.83
C THR A 192 -6.06 2.28 -4.86
N ASN A 193 -6.20 1.00 -4.48
CA ASN A 193 -7.47 0.28 -4.53
C ASN A 193 -8.05 0.18 -5.94
N LEU A 194 -7.23 -0.17 -6.91
CA LEU A 194 -7.71 -0.24 -8.30
C LEU A 194 -7.11 -1.41 -9.08
N ILE A 195 -7.72 -1.70 -10.23
CA ILE A 195 -7.22 -2.72 -11.15
C ILE A 195 -6.72 -2.05 -12.44
N GLU A 196 -5.51 -2.42 -12.86
CA GLU A 196 -4.86 -1.77 -13.98
C GLU A 196 -4.39 -2.79 -15.00
N SER A 197 -4.04 -2.32 -16.20
CA SER A 197 -3.58 -3.16 -17.29
C SER A 197 -2.46 -2.48 -18.07
N SER A 198 -1.75 -3.25 -18.89
CA SER A 198 -0.77 -2.69 -19.83
C SER A 198 -0.58 -3.62 -21.03
N ASN A 199 0.34 -3.28 -21.93
CA ASN A 199 0.82 -4.23 -22.92
C ASN A 199 2.08 -4.90 -22.39
N MET A 200 2.52 -5.97 -23.07
CA MET A 200 3.68 -6.75 -22.63
C MET A 200 4.94 -5.94 -22.28
N LEU A 201 5.06 -4.74 -22.86
CA LEU A 201 6.27 -3.93 -22.70
C LEU A 201 6.16 -2.93 -21.55
N GLY A 202 5.03 -2.95 -20.85
CA GLY A 202 4.80 -2.04 -19.72
C GLY A 202 4.09 -0.75 -20.07
N LEU A 203 4.15 -0.36 -21.35
CA LEU A 203 3.49 0.85 -21.84
C LEU A 203 1.99 0.64 -22.07
N ASN A 204 1.30 1.70 -22.51
CA ASN A 204 -0.16 1.72 -22.71
C ASN A 204 -0.91 1.29 -21.45
N ARG A 205 -0.79 2.12 -20.42
CA ARG A 205 -1.21 1.74 -19.08
C ARG A 205 -2.47 2.47 -18.63
N GLU A 206 -3.61 1.79 -18.71
CA GLU A 206 -4.88 2.39 -18.31
C GLU A 206 -5.64 1.53 -17.29
N VAL A 207 -6.24 2.20 -16.30
CA VAL A 207 -6.97 1.55 -15.21
C VAL A 207 -8.34 1.07 -15.66
N ILE A 208 -8.74 -0.09 -15.16
CA ILE A 208 -10.01 -0.74 -15.55
C ILE A 208 -11.15 -0.44 -14.58
N ALA A 209 -10.91 -0.62 -13.28
CA ALA A 209 -11.88 -0.28 -12.24
C ALA A 209 -11.15 0.37 -11.07
N ASP A 210 -11.67 1.50 -10.59
CA ASP A 210 -10.91 2.35 -9.66
C ASP A 210 -11.58 2.70 -8.34
N ASP A 211 -12.84 2.29 -8.18
CA ASP A 211 -13.61 2.66 -7.00
C ASP A 211 -13.79 1.47 -6.05
N LEU A 212 -12.76 0.61 -6.01
CA LEU A 212 -12.81 -0.63 -5.24
C LEU A 212 -12.54 -0.42 -3.76
N PRO A 213 -13.29 -1.13 -2.89
CA PRO A 213 -13.13 -1.04 -1.44
C PRO A 213 -11.80 -1.57 -0.95
N HIS A 214 -11.57 -2.87 -1.11
CA HIS A 214 -10.34 -3.53 -0.62
C HIS A 214 -9.99 -4.79 -1.44
N PRO A 215 -9.54 -4.61 -2.70
CA PRO A 215 -9.25 -5.75 -3.56
C PRO A 215 -7.94 -6.48 -3.21
N PHE A 216 -7.80 -7.73 -3.64
CA PHE A 216 -6.57 -8.50 -3.44
C PHE A 216 -6.12 -9.35 -4.62
N GLY A 217 -6.80 -10.47 -4.84
CA GLY A 217 -6.46 -11.41 -5.92
C GLY A 217 -7.11 -11.03 -7.24
N LEU A 218 -6.65 -11.67 -8.32
CA LEU A 218 -7.18 -11.43 -9.66
C LEU A 218 -6.78 -12.51 -10.67
N THR A 219 -7.69 -12.81 -11.60
CA THR A 219 -7.36 -13.58 -12.81
C THR A 219 -8.30 -13.17 -13.94
N GLN A 220 -7.74 -13.12 -15.15
CA GLN A 220 -8.54 -12.90 -16.34
C GLN A 220 -8.77 -14.25 -17.02
N TYR A 221 -9.95 -14.45 -17.62
CA TYR A 221 -10.14 -15.62 -18.45
C TYR A 221 -10.44 -15.28 -19.91
N GLN A 222 -11.71 -15.16 -20.25
CA GLN A 222 -12.06 -14.84 -21.62
C GLN A 222 -12.11 -13.34 -21.76
N ASP A 223 -13.32 -12.77 -21.73
CA ASP A 223 -13.48 -11.32 -21.81
C ASP A 223 -13.76 -10.70 -20.44
N TYR A 224 -13.47 -11.47 -19.40
CA TYR A 224 -13.73 -11.03 -18.03
C TYR A 224 -12.50 -11.05 -17.15
N ILE A 225 -12.44 -10.10 -16.24
CA ILE A 225 -11.51 -10.17 -15.10
C ILE A 225 -12.26 -10.56 -13.85
N TYR A 226 -11.62 -11.41 -13.05
CA TYR A 226 -12.17 -11.87 -11.79
C TYR A 226 -11.26 -11.39 -10.68
N TRP A 227 -11.85 -10.79 -9.66
CA TRP A 227 -11.06 -10.38 -8.52
C TRP A 227 -11.73 -10.74 -7.21
N THR A 228 -10.96 -10.62 -6.12
CA THR A 228 -11.44 -10.84 -4.77
C THR A 228 -11.37 -9.52 -4.03
N ASP A 229 -12.30 -9.31 -3.11
CA ASP A 229 -12.33 -8.10 -2.31
C ASP A 229 -12.63 -8.54 -0.88
N TRP A 230 -11.88 -8.02 0.08
CA TRP A 230 -12.04 -8.43 1.49
C TRP A 230 -13.18 -7.69 2.19
N SER A 231 -13.28 -6.38 1.94
CA SER A 231 -14.37 -5.53 2.45
C SER A 231 -15.72 -5.92 1.85
N ARG A 232 -15.73 -6.22 0.56
CA ARG A 232 -16.96 -6.67 -0.08
C ARG A 232 -17.25 -8.14 0.24
N ARG A 233 -16.22 -8.85 0.71
CA ARG A 233 -16.27 -10.30 0.98
C ARG A 233 -16.83 -11.03 -0.23
N SER A 234 -16.20 -10.80 -1.38
CA SER A 234 -16.78 -11.21 -2.66
C SER A 234 -15.76 -11.66 -3.69
N ILE A 235 -16.24 -12.45 -4.66
CA ILE A 235 -15.52 -12.70 -5.89
C ILE A 235 -16.30 -12.06 -7.03
N GLU A 236 -15.70 -11.06 -7.65
CA GLU A 236 -16.40 -10.25 -8.65
C GLU A 236 -15.83 -10.43 -10.06
N ARG A 237 -16.70 -10.18 -11.03
CA ARG A 237 -16.38 -10.29 -12.45
C ARG A 237 -16.59 -8.93 -13.12
N ALA A 238 -15.83 -8.64 -14.17
CA ALA A 238 -16.03 -7.43 -15.01
C ALA A 238 -15.40 -7.58 -16.40
N ASN A 239 -15.86 -6.77 -17.36
CA ASN A 239 -15.28 -6.74 -18.69
C ASN A 239 -13.81 -6.30 -18.66
N LYS A 240 -12.92 -7.18 -19.10
CA LYS A 240 -11.48 -6.98 -19.00
C LYS A 240 -11.01 -5.73 -19.72
N THR A 241 -11.85 -5.18 -20.59
CA THR A 241 -11.49 -4.00 -21.36
C THR A 241 -12.08 -2.71 -20.79
N SER A 242 -13.39 -2.70 -20.55
CA SER A 242 -14.05 -1.48 -20.08
C SER A 242 -14.07 -1.31 -18.57
N GLY A 243 -14.27 -2.41 -17.84
CA GLY A 243 -14.49 -2.32 -16.39
C GLY A 243 -15.98 -2.36 -16.07
N GLN A 244 -16.79 -2.42 -17.13
CA GLN A 244 -18.25 -2.52 -17.04
C GLN A 244 -18.67 -3.99 -16.96
N ASN A 245 -19.99 -4.23 -17.02
CA ASN A 245 -20.58 -5.55 -16.79
C ASN A 245 -20.07 -6.17 -15.49
N ARG A 246 -20.38 -5.49 -14.39
CA ARG A 246 -19.81 -5.79 -13.08
C ARG A 246 -20.81 -6.53 -12.18
N THR A 247 -20.73 -7.87 -12.17
CA THR A 247 -21.60 -8.68 -11.30
C THR A 247 -20.78 -9.51 -10.28
N ILE A 248 -21.47 -10.03 -9.27
CA ILE A 248 -20.83 -10.83 -8.22
C ILE A 248 -21.02 -12.33 -8.44
N ILE A 249 -19.89 -13.05 -8.52
CA ILE A 249 -19.91 -14.50 -8.67
C ILE A 249 -20.06 -15.22 -7.34
N GLN A 250 -19.40 -14.69 -6.30
CA GLN A 250 -19.49 -15.25 -4.97
C GLN A 250 -19.52 -14.15 -3.92
N GLY A 251 -20.46 -14.26 -2.99
CA GLY A 251 -20.54 -13.35 -1.85
C GLY A 251 -20.29 -14.08 -0.54
N HIS A 252 -20.27 -13.33 0.55
CA HIS A 252 -20.08 -13.90 1.90
C HIS A 252 -18.88 -14.84 1.98
N LEU A 253 -17.78 -14.42 1.36
CA LEU A 253 -16.52 -15.15 1.47
C LEU A 253 -15.51 -14.29 2.22
N ASP A 254 -15.11 -14.76 3.39
CA ASP A 254 -14.16 -14.02 4.21
C ASP A 254 -12.72 -14.33 3.82
N TYR A 255 -12.02 -13.31 3.30
CA TYR A 255 -10.61 -13.38 2.91
C TYR A 255 -10.30 -14.35 1.77
N VAL A 256 -10.29 -13.84 0.55
CA VAL A 256 -9.98 -14.69 -0.59
C VAL A 256 -8.58 -14.40 -1.17
N MET A 257 -7.61 -15.17 -0.69
CA MET A 257 -6.21 -15.03 -1.04
C MET A 257 -5.95 -15.55 -2.45
N ASP A 258 -5.55 -14.66 -3.37
CA ASP A 258 -5.19 -15.10 -4.73
C ASP A 258 -6.29 -15.96 -5.35
N ILE A 259 -6.13 -16.32 -6.62
CA ILE A 259 -7.21 -16.94 -7.40
C ILE A 259 -6.73 -17.04 -8.84
N LEU A 260 -7.00 -18.18 -9.49
CA LEU A 260 -6.66 -18.36 -10.90
C LEU A 260 -7.60 -19.30 -11.62
N VAL A 261 -7.90 -18.96 -12.86
CA VAL A 261 -8.81 -19.76 -13.69
C VAL A 261 -8.11 -21.01 -14.21
N PHE A 262 -8.70 -22.16 -13.91
CA PHE A 262 -8.17 -23.46 -14.31
C PHE A 262 -8.80 -23.93 -15.62
N HIS A 263 -8.05 -23.82 -16.70
CA HIS A 263 -8.45 -24.37 -18.01
C HIS A 263 -7.21 -24.63 -18.86
N SER A 264 -7.30 -25.61 -19.76
CA SER A 264 -6.18 -25.94 -20.65
C SER A 264 -5.90 -24.82 -21.65
N SER A 265 -6.86 -23.92 -21.78
CA SER A 265 -6.74 -22.77 -22.66
C SER A 265 -5.63 -21.81 -22.23
N ARG A 266 -5.19 -21.91 -20.98
CA ARG A 266 -4.16 -21.02 -20.44
C ARG A 266 -2.77 -21.61 -20.60
N GLN A 267 -2.63 -22.88 -20.22
CA GLN A 267 -1.36 -23.59 -20.37
C GLN A 267 -1.22 -24.16 -21.78
N SER A 268 -1.03 -23.24 -22.73
CA SER A 268 -0.93 -23.58 -24.15
C SER A 268 0.27 -22.87 -24.79
N GLY A 269 0.58 -23.27 -26.01
CA GLY A 269 1.72 -22.74 -26.74
C GLY A 269 2.77 -23.82 -26.93
N TRP A 270 4.01 -23.41 -27.17
CA TRP A 270 5.11 -24.34 -27.41
C TRP A 270 6.49 -23.68 -27.37
N ASN A 271 7.45 -24.35 -26.74
CA ASN A 271 8.87 -23.99 -26.84
C ASN A 271 9.72 -25.27 -26.98
N GLU A 272 11.03 -25.13 -27.17
CA GLU A 272 11.90 -26.28 -27.38
C GLU A 272 12.07 -27.19 -26.16
N CYS A 273 11.80 -26.66 -24.97
CA CYS A 273 11.89 -27.45 -23.73
C CYS A 273 10.84 -28.56 -23.62
N ALA A 274 9.74 -28.41 -24.36
CA ALA A 274 8.65 -29.38 -24.36
C ALA A 274 8.99 -30.69 -25.10
N SER A 275 9.97 -30.64 -26.01
CA SER A 275 10.39 -31.82 -26.77
C SER A 275 11.60 -32.52 -26.14
N SER A 276 11.33 -33.41 -25.19
CA SER A 276 12.35 -34.20 -24.47
C SER A 276 13.38 -33.34 -23.72
N ASN A 277 12.87 -32.36 -22.97
CA ASN A 277 13.66 -31.45 -22.10
C ASN A 277 14.75 -30.62 -22.80
N GLY A 278 14.70 -30.56 -24.14
CA GLY A 278 15.69 -29.83 -24.92
C GLY A 278 17.09 -30.41 -24.81
N HIS A 279 17.17 -31.68 -24.39
CA HIS A 279 18.43 -32.43 -24.25
C HIS A 279 19.35 -31.93 -23.13
N CYS A 280 18.82 -31.08 -22.26
CA CYS A 280 19.55 -30.62 -21.07
C CYS A 280 19.60 -31.74 -20.04
N SER A 281 20.66 -31.76 -19.24
CA SER A 281 20.85 -32.81 -18.24
C SER A 281 20.10 -32.55 -16.94
N HIS A 282 19.71 -31.30 -16.71
CA HIS A 282 18.98 -30.93 -15.51
C HIS A 282 17.78 -30.04 -15.83
N LEU A 283 18.05 -28.74 -15.99
CA LEU A 283 16.99 -27.76 -16.16
C LEU A 283 16.96 -27.25 -17.57
N CYS A 284 15.75 -27.02 -18.09
CA CYS A 284 15.56 -26.34 -19.36
C CYS A 284 14.73 -25.10 -19.09
N LEU A 285 15.33 -23.92 -19.34
CA LEU A 285 14.68 -22.66 -19.03
C LEU A 285 14.46 -21.86 -20.30
N ALA A 286 13.27 -21.28 -20.45
CA ALA A 286 12.96 -20.51 -21.64
C ALA A 286 13.69 -19.17 -21.66
N VAL A 287 13.98 -18.67 -22.86
CA VAL A 287 14.56 -17.34 -23.09
C VAL A 287 13.93 -16.75 -24.36
N PRO A 288 13.91 -15.39 -24.48
CA PRO A 288 13.25 -14.71 -25.60
C PRO A 288 13.75 -15.11 -27.00
N GLY A 291 14.83 -19.42 -27.80
CA GLY A 291 13.76 -20.30 -27.35
C GLY A 291 14.04 -20.96 -26.01
N PHE A 292 15.25 -21.46 -25.83
CA PHE A 292 15.66 -22.15 -24.60
C PHE A 292 17.15 -22.00 -24.26
N VAL A 293 17.53 -22.50 -23.08
CA VAL A 293 18.93 -22.60 -22.66
C VAL A 293 18.97 -23.53 -21.44
N CYS A 294 20.02 -24.33 -21.34
CA CYS A 294 20.05 -25.36 -20.30
C CYS A 294 20.55 -24.81 -18.98
N GLY A 295 19.79 -25.07 -17.92
CA GLY A 295 20.16 -24.63 -16.58
C GLY A 295 20.77 -25.74 -15.75
N CYS A 296 21.54 -25.33 -14.75
CA CYS A 296 22.11 -26.26 -13.78
C CYS A 296 21.50 -26.03 -12.39
N PRO A 297 21.68 -27.00 -11.48
CA PRO A 297 21.34 -26.76 -10.08
C PRO A 297 22.22 -25.66 -9.49
N ALA A 298 21.74 -24.99 -8.45
CA ALA A 298 22.51 -23.95 -7.76
C ALA A 298 23.93 -24.44 -7.45
N HIS A 299 24.92 -23.68 -7.92
CA HIS A 299 26.34 -23.96 -7.70
C HIS A 299 26.98 -24.91 -8.71
N TYR A 300 26.16 -25.71 -9.40
CA TYR A 300 26.66 -26.54 -10.50
C TYR A 300 27.06 -25.63 -11.66
N SER A 301 27.88 -26.16 -12.56
CA SER A 301 28.36 -25.35 -13.68
C SER A 301 28.13 -26.05 -15.01
N LEU A 302 27.70 -25.26 -15.99
CA LEU A 302 27.42 -25.76 -17.33
C LEU A 302 28.71 -26.18 -18.02
N ASN A 303 28.70 -27.39 -18.58
CA ASN A 303 29.88 -27.93 -19.26
C ASN A 303 30.05 -27.32 -20.65
N ALA A 304 31.16 -27.69 -21.30
CA ALA A 304 31.50 -27.15 -22.62
C ALA A 304 30.40 -27.36 -23.66
N ASP A 305 29.67 -28.46 -23.54
CA ASP A 305 28.61 -28.82 -24.48
C ASP A 305 27.35 -27.96 -24.38
N ASN A 306 27.30 -27.09 -23.37
CA ASN A 306 26.13 -26.25 -23.09
C ASN A 306 24.88 -27.02 -22.65
N ARG A 307 25.04 -28.30 -22.33
CA ARG A 307 23.93 -29.18 -22.00
C ARG A 307 24.05 -29.96 -20.68
N THR A 308 25.28 -30.35 -20.31
CA THR A 308 25.50 -31.13 -19.09
C THR A 308 25.98 -30.25 -17.93
N CYS A 309 25.83 -30.75 -16.70
CA CYS A 309 26.25 -30.01 -15.52
C CYS A 309 27.32 -30.73 -14.71
N SER A 310 28.08 -29.96 -13.94
CA SER A 310 29.13 -30.51 -13.09
C SER A 310 29.04 -30.00 -11.65
N ALA A 311 29.07 -30.94 -10.72
CA ALA A 311 28.93 -30.67 -9.28
C ALA A 311 30.09 -29.83 -8.74
N PRO A 312 29.79 -28.86 -7.86
CA PRO A 312 30.84 -27.96 -7.33
C PRO A 312 32.03 -28.73 -6.76
N THR A 313 33.24 -28.25 -7.05
CA THR A 313 34.47 -28.90 -6.61
C THR A 313 35.12 -28.17 -5.44
N THR A 314 35.20 -26.84 -5.53
CA THR A 314 35.77 -26.01 -4.48
C THR A 314 34.73 -25.02 -3.96
N PHE A 315 34.35 -25.18 -2.70
CA PHE A 315 33.29 -24.38 -2.13
C PHE A 315 33.55 -24.02 -0.67
N LEU A 316 32.63 -23.25 -0.12
CA LEU A 316 32.72 -22.77 1.24
C LEU A 316 31.50 -23.26 2.02
N LEU A 317 31.75 -23.75 3.23
CA LEU A 317 30.67 -24.18 4.10
C LEU A 317 30.63 -23.35 5.38
N PHE A 318 29.47 -22.81 5.71
CA PHE A 318 29.30 -22.10 6.97
C PHE A 318 27.95 -22.38 7.60
N SER A 319 27.97 -22.64 8.90
CA SER A 319 26.78 -22.92 9.64
C SER A 319 26.36 -21.73 10.47
N GLN A 320 25.06 -21.63 10.72
CA GLN A 320 24.51 -20.71 11.71
C GLN A 320 24.18 -21.59 12.93
N LYS A 321 23.14 -21.22 13.68
CA LYS A 321 22.71 -22.03 14.82
C LYS A 321 21.98 -23.28 14.35
N SER A 322 21.13 -23.12 13.33
CA SER A 322 20.25 -24.20 12.89
C SER A 322 20.20 -24.39 11.37
N ALA A 323 21.25 -23.95 10.70
CA ALA A 323 21.37 -24.11 9.25
C ALA A 323 22.81 -24.35 8.85
N ILE A 324 23.01 -25.16 7.83
CA ILE A 324 24.32 -25.28 7.21
C ILE A 324 24.19 -24.85 5.76
N ASN A 325 24.93 -23.80 5.40
CA ASN A 325 24.84 -23.20 4.07
C ASN A 325 26.09 -23.48 3.25
N ARG A 326 25.90 -23.57 1.93
CA ARG A 326 27.01 -23.74 1.00
C ARG A 326 27.10 -22.48 0.15
N MET A 327 28.32 -22.16 -0.29
CA MET A 327 28.58 -20.96 -1.08
C MET A 327 29.80 -21.19 -1.94
N VAL A 328 29.74 -20.72 -3.19
CA VAL A 328 30.83 -20.90 -4.15
C VAL A 328 31.69 -19.65 -4.24
N ILE A 329 32.96 -19.81 -4.60
CA ILE A 329 33.84 -18.67 -4.87
C ILE A 329 34.02 -18.49 -6.39
N ASP A 330 32.99 -17.95 -7.02
CA ASP A 330 32.97 -17.72 -8.46
C ASP A 330 33.13 -16.25 -8.82
N GLU A 331 33.38 -16.00 -10.10
CA GLU A 331 33.45 -14.66 -10.64
C GLU A 331 32.05 -14.09 -10.83
N GLN A 332 31.05 -14.98 -10.94
CA GLN A 332 29.67 -14.57 -11.16
C GLN A 332 29.00 -14.02 -9.89
N PRO A 335 25.47 -16.88 -4.84
CA PRO A 335 24.68 -16.74 -3.62
C PRO A 335 24.77 -17.99 -2.74
N ASP A 336 24.59 -17.81 -1.43
CA ASP A 336 24.58 -18.93 -0.51
C ASP A 336 23.25 -19.68 -0.57
N ILE A 337 23.29 -21.01 -0.48
CA ILE A 337 22.08 -21.82 -0.40
C ILE A 337 22.07 -22.68 0.86
N ILE A 338 20.88 -23.03 1.33
CA ILE A 338 20.73 -23.85 2.51
C ILE A 338 20.82 -25.34 2.14
N LEU A 339 21.73 -26.06 2.80
CA LEU A 339 21.79 -27.50 2.62
C LEU A 339 20.64 -28.14 3.40
N PRO A 340 19.92 -29.10 2.76
CA PRO A 340 18.77 -29.74 3.39
C PRO A 340 19.14 -30.75 4.47
N ILE A 341 19.50 -30.27 5.66
CA ILE A 341 19.85 -31.18 6.75
C ILE A 341 18.92 -31.01 7.95
N HIS A 342 18.04 -32.00 8.13
CA HIS A 342 17.06 -32.00 9.21
C HIS A 342 17.71 -32.11 10.58
N SER A 343 16.97 -31.73 11.61
CA SER A 343 17.38 -31.89 13.02
C SER A 343 18.66 -31.14 13.38
N LEU A 344 18.65 -29.82 13.15
CA LEU A 344 19.72 -28.95 13.59
C LEU A 344 19.16 -28.02 14.66
N ARG A 345 19.86 -27.95 15.78
CA ARG A 345 19.41 -27.16 16.94
C ARG A 345 20.38 -26.04 17.28
N ASN A 346 21.53 -26.40 17.82
CA ASN A 346 22.57 -25.42 18.09
C ASN A 346 23.90 -25.90 17.53
N VAL A 347 24.07 -25.72 16.21
CA VAL A 347 25.29 -26.14 15.53
C VAL A 347 26.45 -25.31 16.02
N ARG A 348 27.41 -25.98 16.66
CA ARG A 348 28.54 -25.30 17.29
C ARG A 348 29.71 -25.18 16.33
N ALA A 349 30.02 -26.28 15.64
CA ALA A 349 31.14 -26.34 14.71
C ALA A 349 30.88 -27.31 13.55
N ILE A 350 31.55 -27.09 12.43
CA ILE A 350 31.48 -28.00 11.29
C ILE A 350 32.86 -28.46 10.82
N ASP A 351 32.85 -29.46 9.94
CA ASP A 351 34.04 -30.02 9.33
C ASP A 351 33.58 -30.84 8.12
N TYR A 352 34.50 -31.26 7.27
CA TYR A 352 34.13 -31.97 6.05
C TYR A 352 35.15 -33.01 5.65
N ASP A 353 34.64 -34.14 5.16
CA ASP A 353 35.48 -35.22 4.64
C ASP A 353 35.30 -35.28 3.13
N PRO A 354 36.39 -35.01 2.38
CA PRO A 354 36.28 -34.91 0.93
C PRO A 354 36.30 -36.26 0.24
N LEU A 355 36.78 -37.28 0.94
CA LEU A 355 36.85 -38.64 0.38
C LEU A 355 35.45 -39.16 0.12
N ASP A 356 34.62 -39.19 1.15
CA ASP A 356 33.23 -39.64 1.04
C ASP A 356 32.24 -38.48 0.87
N LYS A 357 32.76 -37.26 0.76
CA LYS A 357 31.92 -36.07 0.60
C LYS A 357 30.91 -35.90 1.76
N GLN A 358 31.32 -36.31 2.96
CA GLN A 358 30.45 -36.30 4.16
C GLN A 358 30.67 -35.05 5.01
N LEU A 359 29.58 -34.52 5.53
CA LEU A 359 29.61 -33.27 6.29
C LEU A 359 29.45 -33.48 7.80
N TYR A 360 30.51 -33.24 8.55
CA TYR A 360 30.52 -33.50 9.99
C TYR A 360 30.31 -32.23 10.79
N TRP A 361 29.41 -32.28 11.76
CA TRP A 361 29.18 -31.14 12.65
C TRP A 361 28.90 -31.58 14.06
N ILE A 362 29.05 -30.65 14.99
CA ILE A 362 28.75 -30.91 16.39
C ILE A 362 27.61 -30.02 16.85
N ASP A 363 26.56 -30.66 17.36
CA ASP A 363 25.38 -29.98 17.86
C ASP A 363 25.48 -29.82 19.37
N SER A 364 25.13 -28.62 19.85
CA SER A 364 25.10 -28.30 21.27
C SER A 364 23.71 -28.61 21.85
N ARG A 365 23.62 -28.66 23.18
CA ARG A 365 22.40 -29.08 23.91
C ARG A 365 22.15 -30.58 23.75
N GLN A 366 22.27 -31.07 22.52
CA GLN A 366 22.13 -32.47 22.19
C GLN A 366 23.41 -33.24 22.49
N ASN A 367 24.52 -32.51 22.53
CA ASN A 367 25.85 -33.04 22.87
C ASN A 367 26.25 -34.26 22.06
N MET A 368 26.16 -34.12 20.73
CA MET A 368 26.50 -35.18 19.80
C MET A 368 27.34 -34.66 18.63
N ILE A 369 27.92 -35.58 17.87
CA ILE A 369 28.60 -35.24 16.62
C ILE A 369 27.90 -35.99 15.49
N ARG A 370 27.56 -35.28 14.43
CA ARG A 370 26.73 -35.82 13.36
C ARG A 370 27.38 -35.69 12.00
N LYS A 371 26.94 -36.51 11.05
CA LYS A 371 27.43 -36.46 9.68
C LYS A 371 26.30 -36.76 8.68
N ALA A 372 26.42 -36.18 7.49
CA ALA A 372 25.42 -36.31 6.44
C ALA A 372 25.95 -35.72 5.14
N GLN A 373 25.36 -36.12 4.03
CA GLN A 373 25.76 -35.63 2.71
C GLN A 373 25.25 -34.21 2.48
N GLU A 374 25.73 -33.56 1.43
CA GLU A 374 25.30 -32.19 1.09
C GLU A 374 23.82 -32.15 0.68
N ASP A 375 23.26 -33.32 0.42
CA ASP A 375 21.85 -33.49 0.12
C ASP A 375 21.10 -33.97 1.35
N GLY A 376 21.87 -34.31 2.39
CA GLY A 376 21.33 -34.67 3.71
C GLY A 376 20.76 -36.07 3.81
N SER A 377 21.14 -36.94 2.87
CA SER A 377 20.54 -38.27 2.75
C SER A 377 21.34 -39.40 3.42
N GLN A 378 22.30 -39.03 4.27
CA GLN A 378 23.15 -40.02 4.94
C GLN A 378 23.19 -39.83 6.46
N GLY A 379 22.26 -39.04 6.99
CA GLY A 379 22.28 -38.58 8.39
C GLY A 379 22.62 -39.61 9.44
N PHE A 380 23.88 -39.58 9.91
CA PHE A 380 24.38 -40.56 10.87
C PHE A 380 25.07 -39.91 12.08
N THR A 381 24.85 -40.49 13.26
CA THR A 381 25.34 -39.93 14.53
C THR A 381 26.63 -40.60 15.01
N VAL A 382 27.71 -39.82 15.09
CA VAL A 382 29.05 -40.31 15.40
C VAL A 382 29.32 -40.47 16.90
N VAL A 383 29.11 -39.40 17.67
CA VAL A 383 29.34 -39.43 19.12
C VAL A 383 28.10 -38.97 19.89
N VAL A 384 27.78 -39.65 20.99
CA VAL A 384 26.60 -39.35 21.83
C VAL A 384 26.96 -39.43 23.32
N SER A 385 26.23 -38.68 24.16
CA SER A 385 26.51 -38.58 25.59
C SER A 385 26.53 -39.91 26.34
N ILE A 394 29.34 -34.88 29.73
CA ILE A 394 30.01 -35.13 28.45
C ILE A 394 29.46 -34.23 27.30
N GLN A 395 30.25 -33.23 26.92
CA GLN A 395 29.88 -32.33 25.80
C GLN A 395 31.06 -31.81 24.98
N PRO A 396 31.05 -32.07 23.66
CA PRO A 396 32.11 -31.61 22.74
C PRO A 396 32.02 -30.11 22.43
N TYR A 397 33.13 -29.56 21.91
CA TYR A 397 33.27 -28.11 21.68
C TYR A 397 33.68 -27.78 20.24
N ASP A 398 34.77 -28.37 19.78
CA ASP A 398 35.30 -28.14 18.44
C ASP A 398 35.84 -29.45 17.87
N LEU A 399 35.87 -29.57 16.55
CA LEU A 399 36.28 -30.81 15.88
C LEU A 399 37.20 -30.58 14.68
N SER A 400 38.11 -31.52 14.46
CA SER A 400 39.02 -31.45 13.31
C SER A 400 39.30 -32.86 12.74
N ILE A 401 39.17 -32.99 11.43
CA ILE A 401 39.26 -34.29 10.76
C ILE A 401 40.61 -34.58 10.10
N ASP A 402 41.28 -35.61 10.62
CA ASP A 402 42.43 -36.25 9.98
C ASP A 402 41.91 -37.05 8.80
N ILE A 403 41.82 -36.42 7.63
CA ILE A 403 41.21 -37.07 6.46
C ILE A 403 42.01 -38.27 5.98
N TYR A 404 43.28 -38.34 6.38
CA TYR A 404 44.18 -39.41 5.96
C TYR A 404 44.03 -40.66 6.84
N SER A 405 44.16 -40.50 8.15
CA SER A 405 44.00 -41.61 9.08
C SER A 405 42.55 -42.02 9.27
N ARG A 406 41.64 -41.19 8.74
CA ARG A 406 40.18 -41.39 8.85
C ARG A 406 39.69 -41.33 10.30
N TYR A 407 40.31 -40.44 11.08
CA TYR A 407 39.90 -40.19 12.45
C TYR A 407 39.39 -38.77 12.59
N ILE A 408 38.52 -38.57 13.56
CA ILE A 408 38.06 -37.25 13.92
C ILE A 408 38.58 -36.93 15.32
N TYR A 409 39.35 -35.86 15.42
CA TYR A 409 39.81 -35.34 16.71
C TYR A 409 38.78 -34.34 17.23
N TRP A 410 38.47 -34.42 18.51
CA TRP A 410 37.55 -33.46 19.13
C TRP A 410 37.92 -33.09 20.55
N THR A 411 37.38 -31.98 21.02
CA THR A 411 37.57 -31.57 22.40
C THR A 411 36.30 -31.69 23.21
N CYS A 412 36.44 -32.13 24.46
CA CYS A 412 35.33 -32.22 25.39
C CYS A 412 35.37 -31.03 26.34
N GLU A 413 34.32 -30.21 26.29
CA GLU A 413 34.21 -29.06 27.18
C GLU A 413 33.99 -29.52 28.61
N ALA A 414 33.23 -30.61 28.76
CA ALA A 414 32.82 -31.10 30.06
C ALA A 414 33.96 -31.77 30.81
N THR A 415 34.69 -32.64 30.12
CA THR A 415 35.76 -33.44 30.74
C THR A 415 37.17 -33.01 30.34
N ASN A 416 37.29 -31.81 29.77
CA ASN A 416 38.57 -31.19 29.46
C ASN A 416 39.60 -32.13 28.83
N VAL A 417 39.19 -32.77 27.75
CA VAL A 417 39.95 -33.85 27.16
C VAL A 417 40.00 -33.68 25.64
N ILE A 418 41.01 -34.27 25.00
CA ILE A 418 41.03 -34.37 23.55
C ILE A 418 40.81 -35.83 23.16
N ASN A 419 39.54 -36.19 22.98
CA ASN A 419 39.14 -37.53 22.58
C ASN A 419 39.31 -37.69 21.07
N VAL A 420 39.61 -38.91 20.64
CA VAL A 420 39.68 -39.24 19.21
C VAL A 420 38.84 -40.48 18.90
N THR A 421 37.99 -40.37 17.89
CA THR A 421 37.13 -41.48 17.48
C THR A 421 37.15 -41.62 15.96
N ARG A 422 36.85 -42.82 15.49
CA ARG A 422 36.85 -43.11 14.05
C ARG A 422 35.62 -42.53 13.37
N LEU A 423 35.60 -42.55 12.05
CA LEU A 423 34.48 -41.99 11.28
C LEU A 423 33.23 -42.87 11.32
N ASP A 424 33.42 -44.17 11.54
CA ASP A 424 32.30 -45.09 11.69
C ASP A 424 31.59 -44.90 13.03
N GLY A 425 32.34 -44.50 14.04
CA GLY A 425 31.82 -44.31 15.40
C GLY A 425 32.70 -44.97 16.44
N ARG A 426 33.37 -46.05 16.03
CA ARG A 426 34.30 -46.81 16.87
C ARG A 426 35.31 -45.88 17.57
N SER A 427 35.40 -46.00 18.89
CA SER A 427 36.27 -45.13 19.68
C SER A 427 37.76 -45.49 19.55
N VAL A 428 38.61 -44.49 19.33
CA VAL A 428 40.06 -44.72 19.30
C VAL A 428 40.68 -44.50 20.68
N GLY A 429 40.30 -43.41 21.35
CA GLY A 429 40.74 -43.14 22.71
C GLY A 429 40.96 -41.68 23.03
N VAL A 430 41.66 -41.41 24.12
CA VAL A 430 42.03 -40.04 24.52
C VAL A 430 43.54 -39.83 24.37
N VAL A 431 43.92 -38.71 23.77
CA VAL A 431 45.32 -38.40 23.49
C VAL A 431 45.91 -37.38 24.48
N LEU A 432 45.06 -36.55 25.07
CA LEU A 432 45.51 -35.50 25.97
C LEU A 432 44.48 -35.24 27.07
N LYS A 433 44.95 -35.28 28.32
CA LYS A 433 44.11 -34.95 29.48
C LYS A 433 44.96 -34.40 30.64
N GLY A 434 44.28 -34.11 31.75
CA GLY A 434 44.93 -33.53 32.93
C GLY A 434 44.10 -32.38 33.45
N GLU A 435 44.12 -32.18 34.77
CA GLU A 435 43.42 -31.07 35.37
C GLU A 435 44.19 -29.78 35.09
N GLN A 436 43.49 -28.66 35.16
CA GLN A 436 44.03 -27.33 34.80
C GLN A 436 44.15 -27.12 33.29
N ASP A 437 44.23 -28.22 32.54
CA ASP A 437 44.13 -28.19 31.09
C ASP A 437 42.66 -28.09 30.74
N ARG A 438 42.35 -27.24 29.75
CA ARG A 438 40.96 -26.95 29.34
C ARG A 438 40.82 -26.75 27.83
N PRO A 439 41.11 -27.81 27.04
CA PRO A 439 41.19 -27.70 25.58
C PRO A 439 39.86 -27.36 24.90
N ARG A 440 39.86 -26.33 24.04
CA ARG A 440 38.65 -25.87 23.36
C ARG A 440 38.73 -25.97 21.84
N ALA A 441 39.39 -25.01 21.19
CA ALA A 441 39.57 -25.06 19.73
C ALA A 441 40.65 -26.07 19.35
N ILE A 442 40.46 -26.76 18.23
CA ILE A 442 41.46 -27.72 17.73
C ILE A 442 41.55 -27.68 16.23
N VAL A 443 42.78 -27.78 15.73
CA VAL A 443 43.00 -28.01 14.31
C VAL A 443 44.15 -29.00 14.08
N VAL A 444 43.88 -30.05 13.30
CA VAL A 444 44.87 -31.09 13.02
C VAL A 444 45.66 -30.86 11.74
N ASN A 445 46.91 -31.33 11.77
CA ASN A 445 47.89 -31.12 10.72
C ASN A 445 48.57 -32.46 10.41
N PRO A 446 47.82 -33.41 9.81
CA PRO A 446 48.31 -34.80 9.68
C PRO A 446 49.52 -34.91 8.76
N GLU A 447 49.64 -33.98 7.81
CA GLU A 447 50.75 -33.95 6.85
C GLU A 447 52.13 -33.77 7.53
N LYS A 448 52.14 -33.08 8.66
CA LYS A 448 53.37 -32.82 9.42
C LYS A 448 53.35 -33.52 10.78
N GLY A 449 52.22 -34.12 11.12
CA GLY A 449 52.12 -34.99 12.29
C GLY A 449 51.91 -34.30 13.62
N TYR A 450 51.31 -33.11 13.59
CA TYR A 450 51.06 -32.35 14.82
C TYR A 450 49.62 -31.88 14.92
N MET A 451 49.22 -31.52 16.14
CA MET A 451 47.94 -30.87 16.38
C MET A 451 48.17 -29.54 17.12
N TYR A 452 47.45 -28.51 16.69
CA TYR A 452 47.51 -27.20 17.32
C TYR A 452 46.15 -26.91 17.94
N PHE A 453 46.16 -26.57 19.23
CA PHE A 453 44.92 -26.41 19.97
C PHE A 453 44.89 -25.19 20.89
N THR A 454 43.68 -24.82 21.28
CA THR A 454 43.44 -23.73 22.21
C THR A 454 43.14 -24.33 23.58
N ASN A 455 43.97 -23.95 24.56
CA ASN A 455 43.82 -24.42 25.93
C ASN A 455 43.39 -23.25 26.80
N LEU A 456 42.09 -23.21 27.10
CA LEU A 456 41.52 -22.11 27.87
C LEU A 456 41.61 -22.33 29.37
N GLN A 457 42.81 -22.15 29.91
CA GLN A 457 43.05 -22.26 31.34
C GLN A 457 42.45 -21.03 32.05
N GLU A 458 42.01 -21.25 33.29
CA GLU A 458 41.46 -20.17 34.11
C GLU A 458 42.49 -19.04 34.26
N ARG A 459 42.02 -17.81 34.05
CA ARG A 459 42.82 -16.58 34.18
C ARG A 459 44.09 -16.47 33.30
N SER A 460 44.43 -17.54 32.58
CA SER A 460 45.60 -17.52 31.70
C SER A 460 45.44 -18.47 30.51
N PRO A 461 44.88 -17.96 29.39
CA PRO A 461 44.62 -18.80 28.23
C PRO A 461 45.89 -19.03 27.43
N LYS A 462 45.89 -20.05 26.57
CA LYS A 462 47.07 -20.39 25.77
C LYS A 462 46.73 -20.99 24.40
N ILE A 463 47.68 -20.85 23.47
CA ILE A 463 47.70 -21.62 22.23
C ILE A 463 48.85 -22.61 22.33
N GLU A 464 48.55 -23.89 22.15
CA GLU A 464 49.52 -24.95 22.36
C GLU A 464 49.67 -25.88 21.17
N ARG A 465 50.75 -26.65 21.18
CA ARG A 465 51.05 -27.61 20.11
C ARG A 465 51.55 -28.92 20.70
N ALA A 466 51.00 -30.02 20.19
CA ALA A 466 51.50 -31.35 20.53
C ALA A 466 51.44 -32.27 19.31
N ALA A 467 52.21 -33.35 19.33
CA ALA A 467 52.13 -34.38 18.30
C ALA A 467 50.75 -35.02 18.35
N LEU A 468 50.31 -35.60 17.23
CA LEU A 468 48.96 -36.17 17.13
C LEU A 468 48.64 -37.25 18.17
N ASP A 469 49.65 -37.69 18.92
CA ASP A 469 49.46 -38.69 19.96
C ASP A 469 49.55 -38.12 21.37
N GLY A 470 49.65 -36.79 21.46
CA GLY A 470 49.68 -36.11 22.76
C GLY A 470 51.06 -35.94 23.36
N THR A 471 52.08 -36.49 22.70
CA THR A 471 53.46 -36.27 23.12
C THR A 471 53.95 -34.95 22.52
N GLU A 472 55.15 -34.52 22.91
CA GLU A 472 55.81 -33.32 22.38
C GLU A 472 55.03 -32.02 22.62
N ARG A 473 54.41 -31.91 23.78
CA ARG A 473 53.61 -30.73 24.13
C ARG A 473 54.48 -29.50 24.30
N GLU A 474 54.01 -28.38 23.77
CA GLU A 474 54.64 -27.09 24.02
C GLU A 474 53.63 -25.96 23.88
N VAL A 475 53.89 -24.87 24.60
CA VAL A 475 53.08 -23.65 24.49
C VAL A 475 53.64 -22.74 23.41
N LEU A 476 52.80 -22.37 22.44
CA LEU A 476 53.19 -21.47 21.36
C LEU A 476 53.03 -20.00 21.74
N PHE A 477 51.92 -19.66 22.39
CA PHE A 477 51.68 -18.30 22.88
C PHE A 477 50.94 -18.27 24.22
N PHE A 478 51.19 -17.22 25.00
CA PHE A 478 50.52 -17.03 26.30
C PHE A 478 50.08 -15.58 26.57
N SER A 479 50.67 -14.63 25.84
CA SER A 479 50.31 -13.20 25.98
C SER A 479 49.46 -12.72 24.81
N GLY A 480 48.79 -11.59 25.00
CA GLY A 480 47.93 -11.02 23.96
C GLY A 480 46.83 -11.97 23.53
N LEU A 481 46.37 -12.78 24.48
CA LEU A 481 45.29 -13.75 24.31
C LEU A 481 44.22 -13.48 25.36
N SER A 482 42.95 -13.70 25.02
CA SER A 482 41.88 -13.66 26.03
C SER A 482 40.79 -14.70 25.81
N LYS A 483 40.29 -14.78 24.58
CA LYS A 483 39.32 -15.80 24.18
C LYS A 483 39.60 -16.30 22.75
N PRO A 484 40.76 -16.96 22.55
CA PRO A 484 40.97 -17.62 21.25
C PRO A 484 40.00 -18.79 21.09
N ILE A 485 39.20 -18.75 20.03
CA ILE A 485 38.09 -19.70 19.91
C ILE A 485 38.08 -20.49 18.60
N ALA A 486 38.82 -19.99 17.61
CA ALA A 486 38.88 -20.64 16.32
C ALA A 486 40.34 -20.80 15.90
N LEU A 487 40.62 -21.91 15.24
CA LEU A 487 41.95 -22.19 14.71
C LEU A 487 41.81 -22.66 13.28
N ALA A 488 42.78 -22.29 12.47
CA ALA A 488 42.88 -22.75 11.09
C ALA A 488 44.36 -22.77 10.76
N LEU A 489 44.73 -23.50 9.73
CA LEU A 489 46.13 -23.53 9.32
C LEU A 489 46.30 -23.75 7.82
N ASP A 490 47.27 -23.05 7.25
CA ASP A 490 47.68 -23.27 5.86
C ASP A 490 48.95 -24.12 5.90
N SER A 491 48.81 -25.43 5.72
CA SER A 491 49.93 -26.35 5.84
C SER A 491 50.96 -26.16 4.73
N ARG A 492 50.51 -25.74 3.55
CA ARG A 492 51.38 -25.52 2.39
C ARG A 492 52.40 -24.43 2.66
N LEU A 493 51.92 -23.30 3.20
CA LEU A 493 52.78 -22.17 3.56
C LEU A 493 53.37 -22.31 4.97
N GLY A 494 52.81 -23.24 5.75
CA GLY A 494 53.30 -23.51 7.11
C GLY A 494 52.93 -22.44 8.13
N LYS A 495 51.68 -21.99 8.08
CA LYS A 495 51.19 -20.96 8.99
C LYS A 495 49.95 -21.40 9.76
N LEU A 496 49.79 -20.81 10.94
CA LEU A 496 48.65 -21.05 11.83
C LEU A 496 47.87 -19.76 12.04
N PHE A 497 46.54 -19.86 12.02
CA PHE A 497 45.66 -18.71 12.14
C PHE A 497 44.68 -18.86 13.30
N TRP A 498 44.49 -17.80 14.08
CA TRP A 498 43.52 -17.84 15.17
C TRP A 498 42.79 -16.52 15.39
N ALA A 499 41.52 -16.62 15.78
CA ALA A 499 40.69 -15.48 16.10
C ALA A 499 40.40 -15.42 17.60
N ASP A 500 40.71 -14.28 18.20
CA ASP A 500 40.39 -14.03 19.59
C ASP A 500 39.08 -13.27 19.61
N SER A 501 38.10 -13.81 20.34
CA SER A 501 36.78 -13.21 20.42
C SER A 501 36.80 -11.96 21.30
N ASP A 502 37.47 -12.06 22.44
CA ASP A 502 37.58 -10.95 23.39
C ASP A 502 38.36 -9.77 22.81
N LEU A 503 39.51 -10.06 22.19
CA LEU A 503 40.39 -9.02 21.65
C LEU A 503 40.00 -8.55 20.26
N ARG A 504 38.93 -9.13 19.72
CA ARG A 504 38.42 -8.78 18.40
C ARG A 504 39.53 -8.61 17.37
N ARG A 505 40.18 -9.72 17.00
CA ARG A 505 41.29 -9.67 16.04
C ARG A 505 41.62 -11.03 15.41
N ILE A 506 42.38 -11.00 14.32
CA ILE A 506 42.92 -12.21 13.72
C ILE A 506 44.45 -12.18 13.65
N GLU A 507 45.08 -13.17 14.28
CA GLU A 507 46.53 -13.31 14.28
C GLU A 507 47.00 -14.57 13.57
N SER A 508 48.24 -14.52 13.09
CA SER A 508 48.84 -15.64 12.39
C SER A 508 50.32 -15.77 12.73
N SER A 509 50.82 -17.00 12.75
CA SER A 509 52.22 -17.26 13.05
C SER A 509 52.75 -18.42 12.23
N ASP A 510 54.05 -18.63 12.28
CA ASP A 510 54.63 -19.87 11.79
C ASP A 510 54.21 -21.00 12.71
N LEU A 511 53.95 -22.17 12.13
CA LEU A 511 53.58 -23.35 12.90
C LEU A 511 54.61 -23.63 14.00
N SER A 512 55.83 -23.18 13.77
CA SER A 512 56.91 -23.30 14.74
C SER A 512 56.60 -22.52 16.02
N GLY A 513 56.02 -21.33 15.86
CA GLY A 513 55.73 -20.44 16.96
C GLY A 513 56.23 -19.04 16.68
N ALA A 514 57.11 -18.92 15.69
CA ALA A 514 57.72 -17.65 15.31
C ALA A 514 56.77 -16.71 14.58
N ASN A 515 57.22 -15.46 14.36
CA ASN A 515 56.57 -14.50 13.47
C ASN A 515 55.08 -14.21 13.74
N ARG A 516 54.76 -13.89 14.99
CA ARG A 516 53.37 -13.57 15.36
C ARG A 516 52.95 -12.22 14.77
N ILE A 517 51.93 -12.26 13.91
CA ILE A 517 51.47 -11.09 13.17
C ILE A 517 50.00 -10.83 13.42
N VAL A 518 49.66 -9.57 13.68
CA VAL A 518 48.26 -9.13 13.68
C VAL A 518 47.82 -8.92 12.24
N LEU A 519 46.69 -9.51 11.87
CA LEU A 519 46.17 -9.34 10.52
C LEU A 519 45.09 -8.28 10.50
N GLU A 520 44.06 -8.45 11.33
CA GLU A 520 42.97 -7.50 11.42
C GLU A 520 42.63 -7.22 12.88
N ASP A 521 42.55 -5.94 13.22
CA ASP A 521 42.18 -5.51 14.56
C ASP A 521 41.24 -4.31 14.50
N SER A 522 40.90 -3.91 13.27
CA SER A 522 40.20 -2.65 13.01
C SER A 522 38.67 -2.73 13.06
N ASN A 523 38.07 -3.46 12.12
CA ASN A 523 36.61 -3.49 12.05
C ASN A 523 36.00 -4.83 12.38
N ILE A 524 36.67 -5.55 13.28
CA ILE A 524 36.19 -6.83 13.77
C ILE A 524 35.33 -6.59 15.00
N LEU A 525 34.30 -7.39 15.18
CA LEU A 525 33.43 -7.25 16.34
C LEU A 525 33.35 -8.54 17.17
N GLN A 526 33.08 -9.66 16.49
CA GLN A 526 32.91 -10.95 17.13
C GLN A 526 33.40 -12.04 16.17
N PRO A 527 34.74 -12.17 16.01
CA PRO A 527 35.23 -13.24 15.15
C PRO A 527 35.15 -14.58 15.88
N VAL A 528 34.45 -15.52 15.28
CA VAL A 528 34.30 -16.86 15.85
C VAL A 528 34.20 -17.89 14.72
N GLY A 529 35.33 -18.14 14.08
CA GLY A 529 35.37 -19.02 12.92
C GLY A 529 36.23 -18.42 11.83
N LEU A 530 37.05 -19.26 11.20
CA LEU A 530 37.91 -18.85 10.09
C LEU A 530 38.48 -20.07 9.37
N THR A 531 38.67 -19.96 8.05
CA THR A 531 39.35 -21.00 7.26
C THR A 531 40.07 -20.43 6.04
N VAL A 532 41.09 -21.16 5.60
CA VAL A 532 41.91 -20.79 4.45
C VAL A 532 41.33 -21.40 3.19
N PHE A 533 41.06 -20.58 2.19
CA PHE A 533 40.55 -21.10 0.92
C PHE A 533 41.67 -21.33 -0.08
N GLU A 534 42.24 -20.24 -0.59
CA GLU A 534 43.36 -20.37 -1.50
C GLU A 534 44.49 -19.51 -1.00
N ASN A 535 44.34 -18.19 -1.18
CA ASN A 535 45.27 -17.21 -0.65
C ASN A 535 44.47 -16.22 0.19
N TRP A 536 43.37 -16.71 0.74
CA TRP A 536 42.41 -15.89 1.47
C TRP A 536 42.06 -16.51 2.81
N LEU A 537 41.85 -15.67 3.82
CA LEU A 537 41.41 -16.12 5.12
C LEU A 537 40.01 -15.60 5.37
N TYR A 538 39.03 -16.49 5.26
CA TYR A 538 37.64 -16.13 5.48
C TYR A 538 37.35 -16.19 6.97
N TRP A 539 36.60 -15.22 7.49
CA TRP A 539 36.19 -15.29 8.88
C TRP A 539 34.75 -14.84 9.12
N ILE A 540 34.11 -15.55 10.04
CA ILE A 540 32.79 -15.26 10.55
C ILE A 540 32.83 -14.14 11.59
N ASP A 541 31.82 -13.28 11.60
CA ASP A 541 31.65 -12.28 12.65
C ASP A 541 30.20 -12.30 13.13
N LYS A 542 29.94 -13.09 14.17
CA LYS A 542 28.58 -13.35 14.64
C LYS A 542 27.76 -12.07 14.85
N GLN A 543 28.32 -11.15 15.64
CA GLN A 543 27.64 -9.91 16.04
C GLN A 543 27.50 -8.94 14.86
N GLN A 544 28.58 -8.75 14.11
CA GLN A 544 28.54 -7.88 12.95
C GLN A 544 27.77 -8.54 11.80
N GLN A 545 27.42 -9.81 12.01
CA GLN A 545 26.54 -10.57 11.11
C GLN A 545 27.09 -10.75 9.70
N MET A 546 28.41 -10.82 9.54
CA MET A 546 28.96 -10.93 8.20
C MET A 546 30.21 -11.80 8.05
N ILE A 547 30.35 -12.36 6.84
CA ILE A 547 31.53 -13.09 6.40
C ILE A 547 32.45 -12.09 5.73
N GLU A 548 33.73 -12.13 6.08
CA GLU A 548 34.74 -11.30 5.45
C GLU A 548 35.95 -12.16 5.08
N LYS A 549 36.83 -11.59 4.26
CA LYS A 549 38.04 -12.28 3.81
C LYS A 549 39.16 -11.27 3.64
N ILE A 550 40.40 -11.77 3.68
CA ILE A 550 41.57 -10.92 3.55
C ILE A 550 42.65 -11.63 2.74
N ASP A 551 43.34 -10.89 1.88
CA ASP A 551 44.36 -11.43 0.99
C ASP A 551 45.71 -11.59 1.72
N MET A 552 46.05 -12.83 2.02
CA MET A 552 47.26 -13.13 2.80
C MET A 552 48.50 -13.26 1.92
N GLU A 556 45.34 -7.45 -2.20
CA GLU A 556 43.98 -7.14 -2.63
C GLU A 556 43.14 -6.46 -1.55
N GLY A 557 43.47 -6.71 -0.29
CA GLY A 557 42.81 -6.04 0.82
C GLY A 557 41.51 -6.67 1.28
N ARG A 558 41.06 -6.26 2.46
CA ARG A 558 39.88 -6.81 3.12
C ARG A 558 38.61 -6.61 2.29
N THR A 559 37.93 -7.71 1.97
CA THR A 559 36.66 -7.64 1.23
C THR A 559 35.52 -8.31 2.00
N LYS A 560 34.35 -7.65 1.99
CA LYS A 560 33.14 -8.23 2.55
C LYS A 560 32.67 -9.35 1.62
N VAL A 561 32.18 -10.43 2.21
CA VAL A 561 31.74 -11.61 1.45
C VAL A 561 30.22 -11.76 1.49
N GLN A 562 29.64 -11.60 2.67
CA GLN A 562 28.22 -11.82 2.88
C GLN A 562 27.72 -11.15 4.15
N ALA A 563 26.95 -10.08 4.00
CA ALA A 563 26.39 -9.33 5.14
C ALA A 563 25.02 -9.85 5.56
N ARG A 564 24.56 -9.41 6.74
CA ARG A 564 23.25 -9.77 7.29
C ARG A 564 23.03 -11.28 7.36
N ILE A 565 24.00 -11.98 7.94
CA ILE A 565 23.92 -13.41 8.14
C ILE A 565 23.55 -13.65 9.58
N ALA A 566 22.58 -14.55 9.79
CA ALA A 566 21.83 -14.64 11.04
C ALA A 566 22.68 -14.84 12.27
N GLN A 567 23.09 -16.08 12.51
CA GLN A 567 23.79 -16.43 13.74
C GLN A 567 24.93 -17.36 13.41
N LEU A 568 25.75 -16.96 12.45
CA LEU A 568 26.84 -17.80 11.96
C LEU A 568 27.74 -18.29 13.11
N SER A 569 28.15 -19.55 13.03
CA SER A 569 28.81 -20.24 14.14
C SER A 569 30.14 -20.90 13.79
N ASP A 570 30.24 -21.44 12.58
CA ASP A 570 31.50 -22.05 12.08
C ASP A 570 31.58 -21.99 10.54
N ILE A 571 32.80 -21.87 10.02
CA ILE A 571 33.04 -21.84 8.57
C ILE A 571 34.15 -22.84 8.19
N HIS A 572 34.03 -23.45 7.01
CA HIS A 572 34.98 -24.47 6.55
C HIS A 572 35.13 -24.48 5.02
N ALA A 573 36.32 -24.10 4.55
CA ALA A 573 36.61 -24.09 3.11
C ALA A 573 36.96 -25.48 2.65
N VAL A 574 36.24 -25.95 1.64
CA VAL A 574 36.47 -27.28 1.12
C VAL A 574 37.06 -27.21 -0.27
N LYS A 575 38.31 -27.69 -0.41
CA LYS A 575 38.97 -27.72 -1.71
C LYS A 575 38.86 -29.09 -2.37
N GLU A 576 39.11 -29.11 -3.68
CA GLU A 576 39.10 -30.33 -4.49
C GLU A 576 40.17 -31.30 -3.99
N LEU A 577 39.74 -32.48 -3.54
CA LEU A 577 40.67 -33.50 -3.11
C LEU A 577 40.92 -34.47 -4.26
N ASN A 578 42.10 -34.38 -4.85
CA ASN A 578 42.52 -35.33 -5.87
C ASN A 578 42.98 -36.63 -5.21
N LEU A 579 42.47 -37.74 -5.73
CA LEU A 579 42.72 -39.07 -5.17
C LEU A 579 44.21 -39.42 -5.14
N GLN A 580 44.86 -39.37 -6.30
CA GLN A 580 46.28 -39.68 -6.42
C GLN A 580 47.14 -38.94 -5.40
N GLU A 581 46.80 -37.67 -5.16
CA GLU A 581 47.52 -36.81 -4.22
C GLU A 581 47.27 -37.23 -2.78
N TYR A 582 46.04 -37.63 -2.48
CA TYR A 582 45.64 -38.12 -1.17
C TYR A 582 46.41 -39.39 -0.79
N ARG A 583 46.51 -40.32 -1.73
CA ARG A 583 47.10 -41.65 -1.52
C ARG A 583 48.61 -41.60 -1.25
N GLN A 584 49.26 -40.52 -1.70
CA GLN A 584 50.70 -40.31 -1.48
C GLN A 584 51.06 -40.18 0.00
N HIS A 585 50.09 -39.76 0.81
CA HIS A 585 50.26 -39.77 2.25
C HIS A 585 50.48 -41.20 2.71
N PRO A 586 51.46 -41.41 3.61
CA PRO A 586 51.79 -42.77 4.09
C PRO A 586 50.68 -43.48 4.86
N CYS A 587 49.94 -42.74 5.68
CA CYS A 587 48.84 -43.33 6.45
C CYS A 587 47.58 -43.57 5.60
N ALA A 588 47.51 -42.95 4.44
CA ALA A 588 46.33 -43.03 3.56
C ALA A 588 45.89 -44.47 3.28
N GLN A 589 46.85 -45.34 3.00
CA GLN A 589 46.55 -46.75 2.80
C GLN A 589 46.71 -47.53 4.09
N ASP A 590 45.62 -48.13 4.53
CA ASP A 590 45.57 -49.00 5.71
C ASP A 590 46.34 -48.47 6.92
N ASN A 591 46.18 -47.18 7.19
CA ASN A 591 46.72 -46.50 8.38
C ASN A 591 48.21 -46.76 8.70
N GLY A 592 48.96 -47.22 7.70
CA GLY A 592 50.38 -47.51 7.85
C GLY A 592 50.72 -48.64 8.81
N GLY A 593 49.81 -49.61 8.92
CA GLY A 593 49.99 -50.77 9.81
C GLY A 593 49.54 -50.53 11.24
N CYS A 594 49.39 -49.26 11.62
CA CYS A 594 49.06 -48.87 12.99
C CYS A 594 47.64 -49.22 13.40
N SER A 595 47.52 -49.82 14.58
CA SER A 595 46.24 -50.21 15.13
C SER A 595 45.47 -49.02 15.66
N HIS A 596 46.20 -47.98 16.04
CA HIS A 596 45.59 -46.82 16.67
C HIS A 596 45.97 -45.47 16.03
N ILE A 597 47.23 -45.06 16.16
CA ILE A 597 47.64 -43.74 15.67
C ILE A 597 48.87 -43.77 14.76
N CYS A 598 48.70 -43.28 13.53
CA CYS A 598 49.78 -43.15 12.55
C CYS A 598 50.41 -41.75 12.59
N LEU A 599 51.73 -41.68 12.71
CA LEU A 599 52.44 -40.40 12.78
C LEU A 599 53.52 -40.24 11.71
N VAL A 600 53.24 -39.42 10.70
CA VAL A 600 54.25 -39.09 9.69
C VAL A 600 55.15 -37.98 10.22
N LYS A 601 56.20 -38.37 10.93
CA LYS A 601 57.10 -37.41 11.58
C LYS A 601 58.47 -37.27 10.92
N GLY A 602 59.12 -36.14 11.19
CA GLY A 602 60.50 -35.89 10.81
C GLY A 602 60.80 -35.96 9.32
N ASP A 603 61.58 -36.98 8.93
CA ASP A 603 62.05 -37.13 7.56
C ASP A 603 60.94 -37.45 6.55
N GLY A 604 60.25 -38.56 6.76
CA GLY A 604 59.17 -38.98 5.87
C GLY A 604 58.71 -40.42 6.03
N THR A 605 58.70 -40.89 7.27
CA THR A 605 58.30 -42.27 7.59
C THR A 605 57.21 -42.27 8.65
N THR A 606 56.32 -43.26 8.57
CA THR A 606 55.28 -43.47 9.58
C THR A 606 55.89 -44.04 10.87
N ARG A 607 55.21 -43.78 11.99
CA ARG A 607 55.56 -44.38 13.27
C ARG A 607 54.29 -44.54 14.07
N CYS A 608 54.08 -45.75 14.60
CA CYS A 608 52.86 -46.03 15.35
C CYS A 608 52.93 -45.48 16.78
N SER A 609 51.74 -45.25 17.33
CA SER A 609 51.55 -44.77 18.70
C SER A 609 50.12 -45.06 19.14
N CYS A 610 49.85 -44.92 20.44
CA CYS A 610 48.56 -45.30 21.00
C CYS A 610 48.00 -44.24 21.95
N PRO A 611 46.67 -44.23 22.17
CA PRO A 611 46.03 -43.38 23.18
C PRO A 611 46.62 -43.55 24.57
N MET A 612 46.09 -42.78 25.53
CA MET A 612 46.67 -42.72 26.87
C MET A 612 46.43 -43.94 27.77
N HIS A 613 45.47 -44.80 27.42
CA HIS A 613 45.19 -46.00 28.21
C HIS A 613 45.76 -47.29 27.61
N LEU A 614 46.53 -47.15 26.53
CA LEU A 614 47.21 -48.30 25.90
C LEU A 614 48.67 -48.00 25.58
N VAL A 615 49.56 -48.94 25.93
CA VAL A 615 50.98 -48.82 25.65
C VAL A 615 51.39 -49.67 24.43
N LEU A 616 52.32 -49.13 23.63
CA LEU A 616 52.76 -49.78 22.40
C LEU A 616 53.48 -51.10 22.65
N LEU A 617 53.25 -52.07 21.77
CA LEU A 617 53.75 -53.45 21.94
C LEU A 617 55.01 -53.77 21.12
N GLN A 618 55.32 -55.07 21.02
CA GLN A 618 56.55 -55.57 20.40
C GLN A 618 56.53 -55.51 18.89
N ASP A 619 55.37 -55.78 18.30
CA ASP A 619 55.20 -55.83 16.84
C ASP A 619 55.35 -54.47 16.16
N GLU A 620 55.36 -53.42 16.99
CA GLU A 620 55.48 -52.01 16.55
C GLU A 620 54.26 -51.48 15.80
N LEU A 621 53.20 -52.29 15.76
CA LEU A 621 51.99 -51.93 15.02
C LEU A 621 50.74 -51.87 15.92
N SER A 622 50.71 -52.73 16.95
CA SER A 622 49.54 -52.85 17.82
C SER A 622 49.81 -52.48 19.29
N CYS A 623 48.74 -52.46 20.08
CA CYS A 623 48.81 -52.23 21.53
C CYS A 623 47.56 -52.71 22.24
N GLU B 11 -33.70 2.15 30.64
CA GLU B 11 -32.45 1.34 30.60
C GLU B 11 -31.44 1.90 29.58
N ALA B 12 -30.17 1.61 29.81
CA ALA B 12 -29.09 2.02 28.91
C ALA B 12 -28.60 0.83 28.11
N PHE B 13 -28.20 1.06 26.86
CA PHE B 13 -27.75 -0.04 26.01
C PHE B 13 -26.72 0.37 24.96
N LEU B 14 -25.96 -0.61 24.47
CA LEU B 14 -25.02 -0.38 23.37
C LEU B 14 -25.72 -0.31 22.02
N LEU B 15 -25.06 0.38 21.09
CA LEU B 15 -25.58 0.61 19.75
C LEU B 15 -24.41 0.57 18.78
N PHE B 16 -24.53 -0.27 17.75
CA PHE B 16 -23.45 -0.45 16.79
C PHE B 16 -23.95 -0.87 15.42
N SER B 17 -23.09 -0.70 14.43
CA SER B 17 -23.43 -1.06 13.06
C SER B 17 -22.47 -2.07 12.48
N ARG B 18 -23.01 -2.99 11.70
CA ARG B 18 -22.26 -3.77 10.74
C ARG B 18 -22.57 -3.21 9.34
N ARG B 19 -22.26 -3.97 8.30
CA ARG B 19 -22.65 -3.58 6.95
C ARG B 19 -24.18 -3.59 6.88
N ALA B 20 -24.80 -2.41 6.79
CA ALA B 20 -26.25 -2.31 6.57
C ALA B 20 -27.12 -2.77 7.74
N ASP B 21 -26.48 -3.25 8.81
CA ASP B 21 -27.20 -3.84 9.92
C ASP B 21 -26.92 -3.07 11.20
N ILE B 22 -27.93 -2.36 11.71
CA ILE B 22 -27.77 -1.62 12.95
C ILE B 22 -28.51 -2.33 14.08
N ARG B 23 -27.85 -2.49 15.22
CA ARG B 23 -28.37 -3.29 16.32
C ARG B 23 -28.17 -2.65 17.69
N ARG B 24 -29.05 -3.01 18.63
CA ARG B 24 -28.94 -2.59 20.03
C ARG B 24 -28.76 -3.78 20.98
N ILE B 25 -27.82 -3.65 21.92
CA ILE B 25 -27.58 -4.69 22.91
C ILE B 25 -27.84 -4.15 24.30
N SER B 26 -28.77 -4.78 25.01
CA SER B 26 -29.05 -4.42 26.40
C SER B 26 -27.76 -4.55 27.22
N LEU B 27 -27.48 -3.54 28.04
CA LEU B 27 -26.36 -3.63 28.98
C LEU B 27 -26.73 -4.54 30.14
N GLU B 28 -28.03 -4.75 30.32
CA GLU B 28 -28.56 -5.64 31.35
C GLU B 28 -28.38 -7.12 31.02
N THR B 29 -27.24 -7.68 31.43
CA THR B 29 -26.83 -9.06 31.13
C THR B 29 -27.00 -9.49 29.65
N ASN B 30 -26.67 -8.57 28.74
CA ASN B 30 -26.63 -8.81 27.30
C ASN B 30 -27.86 -9.53 26.80
N ASN B 31 -27.65 -10.57 25.99
CA ASN B 31 -28.69 -11.51 25.60
C ASN B 31 -29.76 -10.93 24.65
N ASN B 32 -30.25 -9.75 24.99
CA ASN B 32 -31.23 -9.05 24.16
C ASN B 32 -30.57 -8.27 23.03
N ASN B 33 -30.52 -8.91 21.86
CA ASN B 33 -29.94 -8.34 20.66
C ASN B 33 -31.03 -8.14 19.62
N VAL B 34 -31.52 -6.90 19.52
CA VAL B 34 -32.59 -6.56 18.57
C VAL B 34 -32.09 -5.54 17.55
N ALA B 35 -32.64 -5.63 16.33
CA ALA B 35 -32.28 -4.72 15.25
C ALA B 35 -33.09 -3.43 15.27
N ILE B 36 -32.44 -2.32 14.97
CA ILE B 36 -33.15 -1.07 14.72
C ILE B 36 -33.73 -1.16 13.30
N PRO B 37 -35.08 -1.15 13.19
CA PRO B 37 -35.76 -1.42 11.93
C PRO B 37 -35.63 -0.25 10.95
N LEU B 38 -34.51 -0.22 10.25
CA LEU B 38 -34.25 0.76 9.20
C LEU B 38 -34.24 0.08 7.85
N THR B 39 -34.35 0.87 6.79
CA THR B 39 -34.49 0.33 5.45
C THR B 39 -33.69 1.15 4.45
N GLY B 40 -33.03 0.46 3.52
CA GLY B 40 -32.30 1.11 2.43
C GLY B 40 -30.80 1.28 2.66
N VAL B 41 -30.38 1.15 3.92
CA VAL B 41 -28.97 1.24 4.30
C VAL B 41 -28.12 0.15 3.62
N LYS B 42 -26.92 0.54 3.18
CA LYS B 42 -26.03 -0.38 2.45
C LYS B 42 -24.70 -0.63 3.18
N GLU B 43 -24.16 0.42 3.79
CA GLU B 43 -22.87 0.37 4.49
C GLU B 43 -22.80 1.52 5.49
N ALA B 44 -23.18 1.23 6.73
CA ALA B 44 -23.33 2.27 7.75
C ALA B 44 -22.10 2.38 8.64
N SER B 45 -21.39 3.51 8.53
CA SER B 45 -20.07 3.66 9.17
C SER B 45 -20.11 4.21 10.61
N ALA B 46 -20.56 5.44 10.78
CA ALA B 46 -20.63 6.09 12.09
C ALA B 46 -22.06 6.14 12.63
N LEU B 47 -22.17 6.18 13.95
CA LEU B 47 -23.46 6.25 14.62
C LEU B 47 -23.56 7.40 15.61
N ASP B 48 -24.78 7.86 15.84
CA ASP B 48 -25.12 8.68 17.00
C ASP B 48 -26.63 8.78 17.21
N PHE B 49 -27.01 9.38 18.33
CA PHE B 49 -28.40 9.42 18.75
C PHE B 49 -28.79 10.81 19.26
N ASP B 50 -30.09 11.02 19.43
CA ASP B 50 -30.61 12.18 20.12
C ASP B 50 -31.56 11.64 21.18
N VAL B 51 -31.23 11.87 22.46
CA VAL B 51 -32.00 11.32 23.56
C VAL B 51 -33.39 11.95 23.69
N THR B 52 -33.43 13.28 23.79
CA THR B 52 -34.68 14.03 23.96
C THR B 52 -35.64 13.83 22.79
N ASP B 53 -35.07 13.77 21.59
CA ASP B 53 -35.82 13.49 20.37
C ASP B 53 -36.19 12.01 20.28
N ASN B 54 -35.36 11.15 20.86
CA ASN B 54 -35.48 9.69 20.77
C ASN B 54 -35.25 9.21 19.33
N ARG B 55 -34.16 9.68 18.74
CA ARG B 55 -33.92 9.53 17.32
C ARG B 55 -32.51 9.06 17.04
N ILE B 56 -32.33 8.29 15.97
CA ILE B 56 -31.01 7.80 15.59
C ILE B 56 -30.50 8.46 14.30
N TYR B 57 -29.19 8.69 14.27
CA TYR B 57 -28.51 9.28 13.12
C TYR B 57 -27.36 8.37 12.68
N TRP B 58 -27.25 8.13 11.38
CA TRP B 58 -26.16 7.30 10.84
C TRP B 58 -25.65 7.82 9.51
N THR B 59 -24.40 7.47 9.19
CA THR B 59 -23.78 7.81 7.92
C THR B 59 -23.71 6.57 7.03
N ASP B 60 -23.71 6.79 5.72
CA ASP B 60 -23.61 5.70 4.77
C ASP B 60 -22.59 6.01 3.67
N ILE B 61 -21.42 5.38 3.75
CA ILE B 61 -20.31 5.66 2.84
C ILE B 61 -20.44 4.97 1.48
N SER B 62 -21.40 4.06 1.36
CA SER B 62 -21.69 3.39 0.09
C SER B 62 -22.75 4.14 -0.71
N LEU B 63 -23.58 4.91 -0.01
CA LEU B 63 -24.62 5.73 -0.63
C LEU B 63 -24.33 7.22 -0.56
N LYS B 64 -23.26 7.59 0.15
CA LYS B 64 -22.84 8.98 0.28
C LYS B 64 -23.95 9.88 0.85
N THR B 65 -24.47 9.51 2.03
CA THR B 65 -25.52 10.27 2.69
C THR B 65 -25.34 10.27 4.18
N ILE B 66 -26.09 11.12 4.87
CA ILE B 66 -26.20 11.10 6.33
C ILE B 66 -27.68 11.15 6.69
N SER B 67 -28.18 10.06 7.27
CA SER B 67 -29.61 9.87 7.40
C SER B 67 -30.07 9.86 8.86
N ARG B 68 -31.37 10.05 9.06
CA ARG B 68 -31.96 9.93 10.38
C ARG B 68 -33.32 9.26 10.37
N ALA B 69 -33.70 8.72 11.53
CA ALA B 69 -35.01 8.08 11.75
C ALA B 69 -35.16 7.82 13.25
N PHE B 70 -36.40 7.60 13.69
CA PHE B 70 -36.65 7.24 15.08
C PHE B 70 -36.28 5.78 15.32
N MET B 71 -36.02 5.44 16.59
CA MET B 71 -35.65 4.08 17.00
C MET B 71 -36.64 3.01 16.49
N ASN B 72 -37.88 3.43 16.25
CA ASN B 72 -38.91 2.56 15.69
C ASN B 72 -38.95 2.55 14.15
N GLY B 73 -37.94 3.17 13.54
CA GLY B 73 -37.83 3.24 12.08
C GLY B 73 -38.71 4.30 11.44
N SER B 74 -39.26 5.18 12.27
CA SER B 74 -40.20 6.21 11.83
C SER B 74 -39.47 7.41 11.23
N ALA B 75 -40.13 8.03 10.25
CA ALA B 75 -39.67 9.25 9.61
C ALA B 75 -38.22 9.16 9.10
N LEU B 76 -37.95 8.13 8.31
CA LEU B 76 -36.64 7.96 7.69
C LEU B 76 -36.43 9.04 6.63
N GLU B 77 -35.35 9.81 6.80
CA GLU B 77 -35.10 10.95 5.95
C GLU B 77 -33.61 11.12 5.73
N HIS B 78 -33.24 11.63 4.55
CA HIS B 78 -31.85 11.88 4.21
C HIS B 78 -31.49 13.32 4.51
N VAL B 79 -30.80 13.50 5.63
CA VAL B 79 -30.49 14.81 6.18
C VAL B 79 -29.39 15.53 5.40
N VAL B 80 -28.37 14.78 5.01
CA VAL B 80 -27.32 15.29 4.14
C VAL B 80 -27.11 14.28 3.00
N GLU B 81 -27.50 14.66 1.79
CA GLU B 81 -27.40 13.73 0.65
C GLU B 81 -26.45 14.20 -0.45
N PHE B 82 -25.84 15.37 -0.26
CA PHE B 82 -24.98 15.95 -1.29
C PHE B 82 -23.54 16.22 -0.82
N GLY B 83 -22.61 16.10 -1.76
CA GLY B 83 -21.22 16.53 -1.56
C GLY B 83 -20.48 15.85 -0.43
N LEU B 84 -20.61 14.53 -0.34
CA LEU B 84 -19.88 13.74 0.65
C LEU B 84 -19.01 12.71 -0.07
N ASP B 85 -18.03 12.19 0.65
CA ASP B 85 -17.09 11.24 0.07
C ASP B 85 -16.89 10.08 1.02
N TYR B 86 -16.40 10.38 2.22
CA TYR B 86 -16.21 9.36 3.26
C TYR B 86 -16.56 9.90 4.66
N PRO B 87 -17.86 10.15 4.93
CA PRO B 87 -18.23 10.66 6.23
C PRO B 87 -18.15 9.57 7.29
N GLU B 88 -16.96 9.38 7.85
CA GLU B 88 -16.71 8.29 8.79
C GLU B 88 -16.82 8.74 10.25
N GLY B 89 -16.67 10.04 10.48
CA GLY B 89 -16.86 10.62 11.80
C GLY B 89 -18.13 11.45 11.80
N MET B 90 -18.88 11.36 12.89
CA MET B 90 -20.20 11.99 12.97
C MET B 90 -20.75 11.97 14.39
N ALA B 91 -20.98 13.17 14.94
CA ALA B 91 -21.50 13.31 16.29
C ALA B 91 -22.74 14.21 16.33
N VAL B 92 -23.57 14.03 17.36
CA VAL B 92 -24.77 14.85 17.55
C VAL B 92 -24.55 15.82 18.70
N ASP B 93 -24.87 17.09 18.43
CA ASP B 93 -24.82 18.17 19.42
C ASP B 93 -26.21 18.30 20.03
N TRP B 94 -26.39 17.71 21.21
CA TRP B 94 -27.71 17.56 21.82
C TRP B 94 -28.25 18.83 22.50
N LEU B 95 -27.41 19.84 22.64
CA LEU B 95 -27.84 21.11 23.24
C LEU B 95 -28.27 22.08 22.16
N GLY B 96 -27.37 22.39 21.24
CA GLY B 96 -27.64 23.37 20.19
C GLY B 96 -28.49 22.85 19.03
N LYS B 97 -28.86 21.57 19.08
CA LYS B 97 -29.65 20.90 18.03
C LYS B 97 -28.94 20.93 16.65
N ASN B 98 -27.63 20.69 16.67
CA ASN B 98 -26.81 20.68 15.46
C ASN B 98 -26.26 19.30 15.13
N LEU B 99 -26.13 19.01 13.85
CA LEU B 99 -25.47 17.80 13.39
C LEU B 99 -24.05 18.14 12.94
N TYR B 100 -23.08 17.35 13.41
CA TYR B 100 -21.68 17.49 13.02
C TYR B 100 -21.21 16.24 12.31
N TRP B 101 -20.31 16.41 11.34
CA TRP B 101 -19.64 15.28 10.70
C TRP B 101 -18.24 15.64 10.20
N ALA B 102 -17.44 14.61 9.94
CA ALA B 102 -16.11 14.74 9.34
C ALA B 102 -15.98 13.75 8.19
N ASP B 103 -15.30 14.18 7.13
CA ASP B 103 -15.26 13.45 5.87
C ASP B 103 -13.81 13.33 5.39
N THR B 104 -13.27 12.11 5.40
CA THR B 104 -11.85 11.90 5.09
C THR B 104 -11.49 12.09 3.62
N GLY B 105 -12.48 12.00 2.75
CA GLY B 105 -12.27 12.29 1.34
C GLY B 105 -12.16 13.78 1.11
N THR B 106 -13.24 14.50 1.41
CA THR B 106 -13.35 15.95 1.23
C THR B 106 -12.38 16.71 2.15
N ASN B 107 -11.99 16.08 3.25
CA ASN B 107 -11.13 16.65 4.30
C ASN B 107 -11.69 17.89 4.97
N ARG B 108 -12.99 17.85 5.26
CA ARG B 108 -13.71 18.96 5.87
C ARG B 108 -14.54 18.49 7.07
N ILE B 109 -14.59 19.31 8.13
CA ILE B 109 -15.54 19.09 9.22
C ILE B 109 -16.67 20.10 9.06
N GLU B 110 -17.88 19.59 8.90
CA GLU B 110 -19.04 20.43 8.59
C GLU B 110 -20.16 20.28 9.61
N VAL B 111 -20.99 21.32 9.71
CA VAL B 111 -22.11 21.35 10.65
C VAL B 111 -23.39 21.77 9.94
N SER B 112 -24.53 21.38 10.52
CA SER B 112 -25.85 21.75 10.03
C SER B 112 -26.87 21.40 11.09
N LYS B 113 -28.03 22.06 11.07
CA LYS B 113 -29.12 21.70 11.96
C LYS B 113 -29.39 20.21 11.79
N LEU B 114 -29.87 19.58 12.86
CA LEU B 114 -30.20 18.16 12.82
C LEU B 114 -31.11 17.78 11.65
N ASP B 115 -31.92 18.72 11.20
CA ASP B 115 -32.76 18.49 10.02
C ASP B 115 -31.96 18.54 8.71
N GLY B 116 -30.79 19.19 8.74
CA GLY B 116 -29.90 19.24 7.58
C GLY B 116 -29.78 20.61 6.94
N GLN B 117 -30.61 21.53 7.42
CA GLN B 117 -30.68 22.89 6.92
C GLN B 117 -29.45 23.69 7.33
N HIS B 118 -29.23 24.81 6.65
CA HIS B 118 -28.15 25.78 6.97
C HIS B 118 -26.77 25.14 7.13
N ARG B 119 -26.33 24.44 6.08
CA ARG B 119 -25.06 23.72 6.10
C ARG B 119 -23.85 24.65 6.00
N GLN B 120 -22.91 24.49 6.93
CA GLN B 120 -21.70 25.29 6.99
C GLN B 120 -20.51 24.39 7.31
N VAL B 121 -19.37 24.70 6.71
CA VAL B 121 -18.12 23.97 6.95
C VAL B 121 -17.26 24.74 7.94
N LEU B 122 -16.88 24.08 9.02
CA LEU B 122 -16.18 24.72 10.14
C LEU B 122 -14.68 24.80 9.96
N VAL B 123 -14.05 23.67 9.64
CA VAL B 123 -12.60 23.57 9.47
C VAL B 123 -12.23 22.76 8.21
N TRP B 124 -11.39 23.36 7.36
CA TRP B 124 -11.04 22.78 6.06
C TRP B 124 -9.56 22.91 5.71
N LYS B 125 -8.88 23.90 6.30
CA LYS B 125 -7.45 24.10 6.09
C LYS B 125 -6.64 23.13 6.94
N ASP B 126 -5.54 22.64 6.36
CA ASP B 126 -4.60 21.75 7.06
C ASP B 126 -5.27 20.57 7.79
N LEU B 127 -6.10 19.82 7.05
CA LEU B 127 -6.73 18.60 7.56
C LEU B 127 -6.35 17.41 6.68
N ASP B 128 -5.83 16.37 7.31
CA ASP B 128 -5.31 15.24 6.55
C ASP B 128 -6.30 14.09 6.38
N SER B 129 -6.82 13.57 7.49
CA SER B 129 -7.89 12.58 7.40
C SER B 129 -8.66 12.55 8.72
N PRO B 130 -9.63 13.46 8.87
CA PRO B 130 -10.42 13.57 10.09
C PRO B 130 -11.38 12.40 10.29
N ARG B 131 -11.14 11.62 11.34
CA ARG B 131 -11.89 10.41 11.63
C ARG B 131 -12.89 10.65 12.75
N ALA B 132 -12.69 9.96 13.87
CA ALA B 132 -13.54 10.05 15.07
C ALA B 132 -13.80 11.49 15.48
N LEU B 133 -14.98 11.73 16.06
CA LEU B 133 -15.42 13.08 16.38
C LEU B 133 -16.17 13.08 17.73
N ALA B 134 -15.59 13.76 18.72
CA ALA B 134 -16.21 13.84 20.06
C ALA B 134 -16.61 15.27 20.46
N LEU B 135 -17.91 15.46 20.71
CA LEU B 135 -18.44 16.77 21.05
C LEU B 135 -18.61 17.00 22.56
N ASP B 136 -18.16 18.16 23.01
CA ASP B 136 -18.36 18.61 24.38
C ASP B 136 -19.04 19.99 24.31
N PRO B 137 -20.37 20.01 24.21
CA PRO B 137 -21.06 21.29 23.97
C PRO B 137 -21.21 22.12 25.24
N ALA B 138 -21.49 21.44 26.36
CA ALA B 138 -21.58 22.06 27.68
C ALA B 138 -20.32 22.86 28.03
N GLU B 139 -19.17 22.44 27.50
CA GLU B 139 -17.92 23.17 27.66
C GLU B 139 -17.59 24.06 26.47
N GLY B 140 -18.16 23.73 25.32
CA GLY B 140 -17.94 24.49 24.08
C GLY B 140 -16.86 23.94 23.15
N PHE B 141 -16.24 22.83 23.54
CA PHE B 141 -15.16 22.21 22.78
C PHE B 141 -15.61 21.02 21.95
N MET B 142 -14.89 20.76 20.86
CA MET B 142 -15.03 19.52 20.11
C MET B 142 -13.66 18.89 19.87
N TYR B 143 -13.65 17.58 19.66
CA TYR B 143 -12.42 16.81 19.44
C TYR B 143 -12.53 15.91 18.21
N TRP B 144 -11.38 15.63 17.58
CA TRP B 144 -11.33 14.67 16.49
C TRP B 144 -9.96 14.01 16.37
N THR B 145 -9.87 12.96 15.55
CA THR B 145 -8.60 12.29 15.29
C THR B 145 -8.23 12.47 13.82
N GLU B 146 -6.93 12.52 13.55
CA GLU B 146 -6.44 12.64 12.18
C GLU B 146 -5.46 11.52 11.82
N TRP B 147 -5.68 10.90 10.65
CA TRP B 147 -4.94 9.72 10.24
C TRP B 147 -3.83 10.03 9.24
N GLY B 148 -4.08 10.96 8.33
CA GLY B 148 -3.11 11.29 7.28
C GLY B 148 -1.92 12.01 7.86
N GLY B 149 -0.85 12.13 7.07
CA GLY B 149 0.37 12.79 7.51
C GLY B 149 0.91 12.22 8.80
N LYS B 150 1.14 13.08 9.79
CA LYS B 150 1.56 12.65 11.12
C LYS B 150 0.33 12.62 12.01
N PRO B 151 -0.17 11.42 12.34
CA PRO B 151 -1.41 11.27 13.11
C PRO B 151 -1.39 12.05 14.43
N LYS B 152 -2.52 12.66 14.75
CA LYS B 152 -2.66 13.52 15.91
C LYS B 152 -4.13 13.61 16.32
N ILE B 153 -4.35 13.93 17.58
CA ILE B 153 -5.69 14.24 18.07
C ILE B 153 -5.79 15.76 18.17
N ASP B 154 -6.79 16.33 17.49
CA ASP B 154 -6.97 17.78 17.45
C ASP B 154 -8.22 18.23 18.17
N ARG B 155 -8.14 19.42 18.75
CA ARG B 155 -9.24 20.05 19.46
C ARG B 155 -9.45 21.49 18.98
N ALA B 156 -10.68 21.79 18.57
CA ALA B 156 -11.09 23.15 18.29
C ALA B 156 -12.38 23.46 19.03
N ALA B 157 -12.65 24.75 19.22
CA ALA B 157 -13.91 25.21 19.76
C ALA B 157 -15.04 24.86 18.79
N MET B 158 -16.23 24.66 19.33
CA MET B 158 -17.37 24.14 18.57
C MET B 158 -17.78 24.98 17.35
N ASP B 159 -17.19 26.16 17.20
CA ASP B 159 -17.48 27.03 16.04
C ASP B 159 -16.36 27.02 14.99
N GLY B 160 -15.31 26.24 15.26
CA GLY B 160 -14.18 26.13 14.35
C GLY B 160 -12.94 26.86 14.81
N SER B 161 -13.12 27.86 15.66
CA SER B 161 -12.02 28.71 16.10
C SER B 161 -11.15 28.01 17.15
N GLU B 162 -10.02 28.63 17.47
CA GLU B 162 -9.12 28.20 18.55
C GLU B 162 -8.55 26.78 18.40
N ARG B 163 -8.32 26.36 17.16
CA ARG B 163 -7.83 25.01 16.87
C ARG B 163 -6.40 24.82 17.34
N THR B 164 -6.17 23.79 18.14
CA THR B 164 -4.84 23.41 18.58
C THR B 164 -4.70 21.90 18.48
N THR B 165 -3.49 21.43 18.19
CA THR B 165 -3.23 20.00 18.18
C THR B 165 -2.98 19.52 19.60
N LEU B 166 -3.93 18.72 20.12
CA LEU B 166 -3.98 18.34 21.53
C LEU B 166 -3.03 17.21 21.90
N VAL B 167 -2.97 16.18 21.04
CA VAL B 167 -2.04 15.08 21.21
C VAL B 167 -1.21 14.95 19.94
N PRO B 168 0.08 15.31 20.00
CA PRO B 168 0.90 15.37 18.80
C PRO B 168 1.51 14.02 18.37
N ASN B 169 1.69 13.11 19.33
CA ASN B 169 2.33 11.83 19.05
C ASN B 169 1.46 10.58 19.35
N VAL B 170 0.67 10.18 18.34
CA VAL B 170 -0.22 9.03 18.43
C VAL B 170 -0.31 8.26 17.10
N GLY B 171 -0.78 7.02 17.18
CA GLY B 171 -1.13 6.23 16.00
C GLY B 171 -2.46 6.71 15.48
N ARG B 172 -3.08 5.91 14.62
CA ARG B 172 -4.38 6.28 14.09
C ARG B 172 -5.44 5.86 15.11
N ALA B 173 -5.95 6.83 15.86
CA ALA B 173 -6.90 6.53 16.92
C ALA B 173 -8.31 6.43 16.35
N ASN B 174 -9.19 5.71 17.02
CA ASN B 174 -10.56 5.55 16.52
C ASN B 174 -11.72 5.75 17.51
N GLY B 175 -11.59 5.21 18.72
CA GLY B 175 -12.74 5.21 19.62
C GLY B 175 -12.87 6.44 20.49
N LEU B 176 -12.63 7.62 19.90
CA LEU B 176 -12.52 8.84 20.69
C LEU B 176 -13.83 9.16 21.38
N THR B 177 -13.78 9.18 22.71
CA THR B 177 -14.96 9.43 23.55
C THR B 177 -14.58 10.19 24.81
N ILE B 178 -15.38 11.19 25.15
CA ILE B 178 -15.16 11.97 26.36
C ILE B 178 -15.82 11.27 27.53
N ASP B 179 -15.08 11.11 28.63
CA ASP B 179 -15.70 10.79 29.90
C ASP B 179 -16.04 12.12 30.56
N TYR B 180 -17.32 12.48 30.51
CA TYR B 180 -17.79 13.80 30.93
C TYR B 180 -17.69 14.00 32.45
N ALA B 181 -18.14 13.00 33.21
CA ALA B 181 -18.11 13.02 34.67
C ALA B 181 -16.69 13.14 35.24
N LYS B 182 -15.77 12.31 34.75
CA LYS B 182 -14.39 12.29 35.25
C LYS B 182 -13.41 13.15 34.45
N ARG B 183 -13.94 13.96 33.53
CA ARG B 183 -13.13 14.86 32.68
C ARG B 183 -11.91 14.18 32.06
N ARG B 184 -12.16 13.13 31.29
CA ARG B 184 -11.10 12.36 30.63
C ARG B 184 -11.47 12.01 29.20
N LEU B 185 -10.45 11.63 28.41
CA LEU B 185 -10.62 11.19 27.02
C LEU B 185 -10.11 9.76 26.83
N TYR B 186 -10.83 8.98 26.02
CA TYR B 186 -10.44 7.62 25.68
C TYR B 186 -10.38 7.43 24.17
N TRP B 187 -9.39 6.66 23.70
CA TRP B 187 -9.26 6.36 22.27
C TRP B 187 -8.54 5.03 22.01
N THR B 188 -8.79 4.43 20.84
CA THR B 188 -8.04 3.25 20.42
C THR B 188 -6.89 3.68 19.55
N ASP B 189 -5.66 3.35 19.94
CA ASP B 189 -4.53 3.50 19.05
C ASP B 189 -4.46 2.23 18.21
N LEU B 190 -4.57 2.40 16.89
CA LEU B 190 -4.60 1.27 15.95
C LEU B 190 -3.21 0.83 15.51
N ASP B 191 -2.25 1.75 15.58
CA ASP B 191 -0.90 1.47 15.10
C ASP B 191 0.04 1.01 16.22
N THR B 192 -0.38 1.22 17.47
CA THR B 192 0.37 0.73 18.62
C THR B 192 -0.41 -0.40 19.30
N ASN B 193 -1.69 -0.52 18.93
CA ASN B 193 -2.56 -1.64 19.32
C ASN B 193 -2.96 -1.65 20.80
N LEU B 194 -3.53 -0.53 21.26
CA LEU B 194 -3.84 -0.34 22.67
C LEU B 194 -4.96 0.68 22.95
N ILE B 195 -5.51 0.62 24.16
CA ILE B 195 -6.48 1.62 24.62
C ILE B 195 -5.77 2.63 25.52
N GLU B 196 -6.07 3.91 25.31
CA GLU B 196 -5.35 5.00 25.98
C GLU B 196 -6.32 5.95 26.67
N SER B 197 -5.78 6.76 27.57
CA SER B 197 -6.56 7.77 28.25
C SER B 197 -5.74 9.02 28.57
N SER B 198 -6.44 10.15 28.63
CA SER B 198 -5.80 11.42 29.02
C SER B 198 -6.83 12.35 29.66
N ASN B 199 -6.35 13.39 30.34
CA ASN B 199 -7.23 14.49 30.75
C ASN B 199 -7.64 15.33 29.54
N MET B 200 -8.58 16.24 29.76
CA MET B 200 -9.18 17.01 28.67
C MET B 200 -8.20 17.93 27.91
N LEU B 201 -6.94 17.95 28.35
CA LEU B 201 -5.91 18.83 27.77
C LEU B 201 -4.87 18.05 26.94
N GLY B 202 -4.92 16.73 27.01
CA GLY B 202 -3.98 15.87 26.29
C GLY B 202 -2.80 15.40 27.13
N LEU B 203 -2.59 16.05 28.27
CA LEU B 203 -1.50 15.70 29.18
C LEU B 203 -1.99 14.61 30.15
N ASN B 204 -1.06 14.07 30.94
CA ASN B 204 -1.36 12.97 31.87
C ASN B 204 -1.97 11.78 31.15
N ARG B 205 -1.16 11.19 30.28
CA ARG B 205 -1.58 10.11 29.40
C ARG B 205 -1.15 8.77 30.01
N GLU B 206 -2.06 7.80 29.98
CA GLU B 206 -1.73 6.41 30.36
C GLU B 206 -2.58 5.38 29.63
N VAL B 207 -1.94 4.26 29.29
CA VAL B 207 -2.60 3.16 28.60
C VAL B 207 -3.51 2.38 29.54
N ILE B 208 -4.68 2.00 29.04
CA ILE B 208 -5.66 1.24 29.79
C ILE B 208 -5.44 -0.26 29.57
N ALA B 209 -5.09 -0.62 28.33
CA ALA B 209 -4.95 -2.00 27.91
C ALA B 209 -4.06 -2.07 26.68
N ASP B 210 -3.08 -2.96 26.69
CA ASP B 210 -2.15 -3.12 25.58
C ASP B 210 -1.94 -4.57 25.14
N ASP B 211 -2.58 -5.49 25.86
CA ASP B 211 -2.48 -6.91 25.54
C ASP B 211 -3.74 -7.43 24.85
N LEU B 212 -4.58 -6.52 24.38
CA LEU B 212 -5.67 -6.87 23.48
C LEU B 212 -5.11 -7.12 22.10
N PRO B 213 -5.61 -8.17 21.40
CA PRO B 213 -5.03 -8.47 20.09
C PRO B 213 -5.49 -7.51 18.97
N HIS B 214 -6.74 -7.04 19.03
CA HIS B 214 -7.25 -6.18 17.95
C HIS B 214 -8.44 -5.30 18.33
N PRO B 215 -8.29 -4.47 19.38
CA PRO B 215 -9.34 -3.52 19.74
C PRO B 215 -9.56 -2.49 18.64
N PHE B 216 -10.81 -2.04 18.46
CA PHE B 216 -11.13 -1.14 17.35
C PHE B 216 -12.09 -0.01 17.73
N GLY B 217 -13.37 -0.36 17.91
CA GLY B 217 -14.36 0.58 18.40
C GLY B 217 -14.23 0.78 19.90
N LEU B 218 -14.75 1.90 20.42
CA LEU B 218 -14.63 2.20 21.84
C LEU B 218 -15.70 3.17 22.34
N THR B 219 -16.33 2.81 23.45
CA THR B 219 -17.20 3.72 24.21
C THR B 219 -16.90 3.59 25.69
N GLN B 220 -17.40 4.54 26.46
CA GLN B 220 -17.23 4.55 27.90
C GLN B 220 -18.58 4.91 28.52
N TYR B 221 -19.00 4.16 29.53
CA TYR B 221 -20.28 4.42 30.17
C TYR B 221 -20.18 4.75 31.68
N GLN B 222 -20.32 3.75 32.53
CA GLN B 222 -20.35 3.96 33.98
C GLN B 222 -18.93 4.02 34.54
N ASP B 223 -18.45 2.88 35.04
CA ASP B 223 -17.06 2.73 35.45
C ASP B 223 -16.35 1.85 34.42
N TYR B 224 -16.93 1.75 33.23
CA TYR B 224 -16.48 0.80 32.22
C TYR B 224 -16.19 1.44 30.87
N ILE B 225 -15.15 0.94 30.21
CA ILE B 225 -14.97 1.15 28.77
C ILE B 225 -15.51 -0.06 28.03
N TYR B 226 -15.93 0.15 26.78
CA TYR B 226 -16.41 -0.92 25.92
C TYR B 226 -15.67 -0.87 24.61
N TRP B 227 -15.17 -2.03 24.17
CA TRP B 227 -14.45 -2.10 22.90
C TRP B 227 -14.81 -3.32 22.06
N THR B 228 -14.62 -3.18 20.75
CA THR B 228 -14.72 -4.30 19.85
C THR B 228 -13.32 -4.82 19.59
N ASP B 229 -13.23 -6.13 19.33
CA ASP B 229 -11.98 -6.77 19.01
C ASP B 229 -12.15 -7.57 17.73
N TRP B 230 -11.24 -7.37 16.78
CA TRP B 230 -11.38 -8.00 15.48
C TRP B 230 -10.76 -9.38 15.43
N SER B 231 -9.80 -9.63 16.31
CA SER B 231 -9.22 -10.95 16.44
C SER B 231 -10.07 -11.83 17.34
N ARG B 232 -10.77 -11.22 18.30
CA ARG B 232 -11.65 -11.97 19.17
C ARG B 232 -13.10 -11.97 18.67
N ARG B 233 -13.39 -11.12 17.69
CA ARG B 233 -14.69 -11.05 17.03
C ARG B 233 -15.79 -10.76 18.04
N SER B 234 -15.52 -9.80 18.92
CA SER B 234 -16.32 -9.65 20.12
C SER B 234 -16.54 -8.20 20.50
N ILE B 235 -17.38 -8.00 21.52
CA ILE B 235 -17.39 -6.75 22.26
C ILE B 235 -17.01 -7.09 23.71
N GLU B 236 -15.88 -6.58 24.16
CA GLU B 236 -15.47 -6.74 25.55
C GLU B 236 -15.78 -5.50 26.37
N ARG B 237 -15.75 -5.67 27.69
CA ARG B 237 -15.92 -4.56 28.62
C ARG B 237 -14.93 -4.73 29.78
N ALA B 238 -14.32 -3.62 30.20
CA ALA B 238 -13.41 -3.63 31.35
C ALA B 238 -13.64 -2.42 32.28
N ASN B 239 -13.11 -2.50 33.49
CA ASN B 239 -13.05 -1.34 34.39
C ASN B 239 -12.29 -0.21 33.68
N LYS B 240 -12.86 0.99 33.69
CA LYS B 240 -12.33 2.12 32.91
C LYS B 240 -11.00 2.69 33.41
N THR B 241 -10.57 2.28 34.59
CA THR B 241 -9.32 2.79 35.18
C THR B 241 -8.19 1.77 35.04
N SER B 242 -8.46 0.54 35.49
CA SER B 242 -7.43 -0.50 35.57
C SER B 242 -7.37 -1.42 34.36
N GLY B 243 -8.40 -1.38 33.51
CA GLY B 243 -8.47 -2.24 32.33
C GLY B 243 -8.54 -3.71 32.68
N GLN B 244 -8.96 -3.99 33.91
CA GLN B 244 -9.16 -5.34 34.41
C GLN B 244 -10.64 -5.55 34.69
N ASN B 245 -10.98 -6.64 35.38
CA ASN B 245 -12.38 -7.05 35.57
C ASN B 245 -13.10 -7.19 34.21
N ARG B 246 -12.40 -7.78 33.24
CA ARG B 246 -12.86 -7.92 31.85
C ARG B 246 -14.02 -8.90 31.67
N THR B 247 -14.89 -8.62 30.70
CA THR B 247 -16.01 -9.50 30.36
C THR B 247 -16.39 -9.33 28.89
N ILE B 248 -17.08 -10.32 28.33
CA ILE B 248 -17.55 -10.26 26.94
C ILE B 248 -19.05 -9.97 26.85
N ILE B 249 -19.39 -8.90 26.14
CA ILE B 249 -20.78 -8.54 25.89
C ILE B 249 -21.39 -9.42 24.80
N GLN B 250 -20.65 -9.59 23.71
CA GLN B 250 -21.08 -10.45 22.60
C GLN B 250 -19.85 -11.00 21.91
N GLY B 251 -19.98 -12.19 21.33
CA GLY B 251 -18.96 -12.75 20.43
C GLY B 251 -19.53 -12.89 19.03
N HIS B 252 -18.73 -13.46 18.13
CA HIS B 252 -19.15 -13.73 16.75
C HIS B 252 -19.59 -12.45 16.03
N LEU B 253 -18.71 -11.45 16.03
CA LEU B 253 -19.00 -10.16 15.41
C LEU B 253 -17.79 -9.64 14.65
N ASP B 254 -17.81 -9.83 13.34
CA ASP B 254 -16.77 -9.33 12.45
C ASP B 254 -17.07 -7.91 12.01
N TYR B 255 -16.02 -7.11 11.85
CA TYR B 255 -16.12 -5.80 11.20
C TYR B 255 -16.84 -4.74 12.03
N VAL B 256 -16.97 -4.96 13.33
CA VAL B 256 -17.61 -3.97 14.19
C VAL B 256 -16.59 -2.93 14.56
N MET B 257 -16.79 -1.70 14.10
CA MET B 257 -15.74 -0.70 14.19
C MET B 257 -16.16 0.58 14.88
N ASP B 258 -17.45 0.70 15.17
CA ASP B 258 -18.00 1.88 15.80
C ASP B 258 -19.09 1.43 16.75
N ILE B 259 -18.89 1.69 18.04
CA ILE B 259 -19.89 1.39 19.06
C ILE B 259 -20.11 2.58 19.97
N LEU B 260 -21.37 2.85 20.32
CA LEU B 260 -21.68 3.81 21.38
C LEU B 260 -22.86 3.36 22.23
N VAL B 261 -22.93 3.87 23.45
CA VAL B 261 -24.00 3.55 24.37
C VAL B 261 -25.03 4.68 24.43
N PHE B 262 -26.30 4.32 24.25
CA PHE B 262 -27.40 5.29 24.25
C PHE B 262 -28.08 5.40 25.61
N HIS B 263 -27.84 6.53 26.27
CA HIS B 263 -28.45 6.87 27.55
C HIS B 263 -28.41 8.39 27.74
N SER B 264 -29.39 8.91 28.49
CA SER B 264 -29.49 10.35 28.76
C SER B 264 -28.41 10.87 29.72
N SER B 265 -27.77 9.97 30.45
CA SER B 265 -26.66 10.36 31.32
C SER B 265 -25.39 10.69 30.52
N ARG B 266 -25.45 10.52 29.21
CA ARG B 266 -24.36 10.89 28.31
C ARG B 266 -24.71 12.16 27.54
N GLN B 267 -25.96 12.27 27.11
CA GLN B 267 -26.47 13.48 26.46
C GLN B 267 -27.13 14.42 27.48
N SER B 268 -26.33 14.88 28.43
CA SER B 268 -26.80 15.79 29.47
C SER B 268 -25.85 16.96 29.66
N GLY B 269 -26.43 18.10 30.03
CA GLY B 269 -25.68 19.34 30.22
C GLY B 269 -26.53 20.53 29.86
N TRP B 270 -25.96 21.73 29.99
CA TRP B 270 -26.66 22.97 29.72
C TRP B 270 -25.84 23.94 28.88
N ASN B 271 -26.49 24.48 27.84
CA ASN B 271 -25.89 25.48 26.98
C ASN B 271 -26.95 26.52 26.65
N GLU B 272 -26.53 27.78 26.54
CA GLU B 272 -27.45 28.87 26.24
C GLU B 272 -28.20 28.66 24.92
N CYS B 273 -27.65 27.79 24.07
CA CYS B 273 -28.30 27.42 22.80
C CYS B 273 -29.50 26.51 23.01
N ALA B 274 -29.54 25.84 24.17
CA ALA B 274 -30.65 24.93 24.50
C ALA B 274 -31.93 25.69 24.86
N SER B 275 -31.80 26.99 25.11
CA SER B 275 -32.92 27.84 25.50
C SER B 275 -33.20 28.90 24.44
N SER B 276 -34.24 28.65 23.64
CA SER B 276 -34.65 29.54 22.54
C SER B 276 -33.57 29.75 21.46
N ASN B 277 -32.71 28.74 21.32
CA ASN B 277 -31.63 28.70 20.30
C ASN B 277 -30.63 29.86 20.34
N GLY B 278 -30.42 30.42 21.53
CA GLY B 278 -29.46 31.53 21.72
C GLY B 278 -29.79 32.79 20.94
N HIS B 279 -31.03 32.85 20.43
CA HIS B 279 -31.54 33.96 19.63
C HIS B 279 -30.99 34.04 18.19
N CYS B 280 -30.06 33.14 17.85
CA CYS B 280 -29.41 33.12 16.52
C CYS B 280 -30.38 32.80 15.38
N SER B 281 -30.19 33.47 14.25
CA SER B 281 -31.10 33.35 13.10
C SER B 281 -31.00 32.01 12.37
N HIS B 282 -29.81 31.42 12.39
CA HIS B 282 -29.57 30.13 11.74
C HIS B 282 -28.93 29.10 12.68
N LEU B 283 -27.63 29.24 12.95
CA LEU B 283 -26.91 28.24 13.75
C LEU B 283 -26.42 28.77 15.09
N CYS B 284 -26.77 28.06 16.16
CA CYS B 284 -26.24 28.36 17.48
C CYS B 284 -25.11 27.39 17.81
N LEU B 285 -23.88 27.82 17.55
CA LEU B 285 -22.69 27.02 17.84
C LEU B 285 -22.10 27.42 19.19
N ALA B 286 -21.49 26.46 19.88
CA ALA B 286 -20.90 26.72 21.20
C ALA B 286 -19.46 27.22 21.11
N VAL B 287 -19.00 27.93 22.15
CA VAL B 287 -17.59 28.31 22.32
C VAL B 287 -17.17 28.15 23.79
N PRO B 288 -15.85 28.11 24.07
CA PRO B 288 -15.32 27.80 25.41
C PRO B 288 -15.71 28.77 26.52
N VAL B 289 -16.26 29.94 26.15
CA VAL B 289 -16.76 30.91 27.13
C VAL B 289 -17.77 30.25 28.10
N GLY B 290 -18.22 29.05 27.74
CA GLY B 290 -19.29 28.35 28.45
C GLY B 290 -20.61 28.69 27.78
N GLY B 291 -20.53 29.54 26.76
CA GLY B 291 -21.70 30.03 26.05
C GLY B 291 -21.69 29.71 24.58
N PHE B 292 -21.97 30.71 23.75
CA PHE B 292 -22.25 30.51 22.34
C PHE B 292 -21.75 31.63 21.42
N VAL B 293 -21.91 31.39 20.12
CA VAL B 293 -21.65 32.36 19.06
C VAL B 293 -22.62 32.03 17.96
N CYS B 294 -23.18 33.06 17.32
CA CYS B 294 -24.10 32.86 16.21
C CYS B 294 -23.37 32.48 14.94
N GLY B 295 -23.87 31.44 14.29
CA GLY B 295 -23.27 30.92 13.06
C GLY B 295 -24.22 31.02 11.89
N CYS B 296 -23.65 30.98 10.68
CA CYS B 296 -24.43 31.11 9.45
C CYS B 296 -24.07 30.02 8.46
N PRO B 297 -24.93 29.78 7.46
CA PRO B 297 -24.63 28.85 6.37
C PRO B 297 -23.30 29.16 5.69
N ALA B 298 -22.78 28.18 4.96
CA ALA B 298 -21.57 28.37 4.16
C ALA B 298 -21.78 29.59 3.27
N HIS B 299 -20.79 30.48 3.29
CA HIS B 299 -20.80 31.70 2.47
C HIS B 299 -21.73 32.82 2.95
N TYR B 300 -22.78 32.49 3.71
CA TYR B 300 -23.66 33.50 4.31
C TYR B 300 -22.89 34.21 5.42
N SER B 301 -22.96 35.55 5.44
CA SER B 301 -22.18 36.34 6.39
C SER B 301 -23.00 36.96 7.52
N LEU B 302 -22.40 37.01 8.69
CA LEU B 302 -23.02 37.54 9.91
C LEU B 302 -23.08 39.06 9.88
N ASN B 303 -24.25 39.61 10.24
CA ASN B 303 -24.47 41.04 10.28
C ASN B 303 -23.85 41.68 11.52
N ALA B 304 -23.75 43.01 11.51
CA ALA B 304 -23.03 43.77 12.56
C ALA B 304 -23.53 43.56 13.99
N ASP B 305 -24.77 43.10 14.12
CA ASP B 305 -25.38 42.83 15.41
C ASP B 305 -24.82 41.57 16.09
N ASN B 306 -24.47 40.58 15.28
CA ASN B 306 -23.98 39.26 15.73
C ASN B 306 -25.11 38.27 15.99
N ARG B 307 -26.10 38.26 15.10
CA ARG B 307 -27.27 37.39 15.27
C ARG B 307 -27.84 36.91 13.92
N THR B 308 -28.28 37.86 13.09
CA THR B 308 -28.90 37.55 11.79
C THR B 308 -27.87 37.29 10.69
N CYS B 309 -28.24 36.47 9.72
CA CYS B 309 -27.35 36.18 8.60
C CYS B 309 -27.86 36.78 7.31
N SER B 310 -26.93 37.22 6.48
CA SER B 310 -27.26 37.70 5.13
C SER B 310 -26.54 36.86 4.07
N ALA B 311 -27.28 36.52 3.02
CA ALA B 311 -26.78 35.72 1.91
C ALA B 311 -25.64 36.45 1.18
N PRO B 312 -24.76 35.70 0.48
CA PRO B 312 -23.71 36.38 -0.27
C PRO B 312 -24.27 36.96 -1.57
N THR B 313 -23.76 38.12 -1.95
CA THR B 313 -24.28 38.86 -3.10
C THR B 313 -23.38 38.69 -4.32
N THR B 314 -22.08 38.65 -4.07
CA THR B 314 -21.08 38.48 -5.12
C THR B 314 -20.34 37.16 -4.90
N PHE B 315 -20.34 36.32 -5.93
CA PHE B 315 -19.70 35.00 -5.87
C PHE B 315 -19.27 34.48 -7.24
N LEU B 316 -18.75 33.25 -7.26
CA LEU B 316 -18.28 32.62 -8.49
C LEU B 316 -18.84 31.21 -8.62
N LEU B 317 -19.35 30.90 -9.81
CA LEU B 317 -19.92 29.58 -10.09
C LEU B 317 -19.08 28.83 -11.11
N PHE B 318 -18.92 27.54 -10.88
CA PHE B 318 -18.28 26.64 -11.84
C PHE B 318 -18.94 25.27 -11.77
N SER B 319 -19.08 24.64 -12.93
CA SER B 319 -19.81 23.39 -13.02
C SER B 319 -18.94 22.26 -13.54
N GLN B 320 -18.95 21.14 -12.82
CA GLN B 320 -18.38 19.89 -13.32
C GLN B 320 -19.48 19.21 -14.15
N LYS B 321 -19.11 18.18 -14.91
CA LYS B 321 -20.09 17.46 -15.76
C LYS B 321 -21.38 17.12 -14.99
N SER B 322 -21.25 16.80 -13.70
CA SER B 322 -22.40 16.38 -12.92
C SER B 322 -22.59 17.11 -11.58
N ALA B 323 -22.11 18.35 -11.50
CA ALA B 323 -22.31 19.20 -10.31
C ALA B 323 -22.25 20.70 -10.60
N ILE B 324 -22.98 21.46 -9.77
CA ILE B 324 -22.91 22.94 -9.78
C ILE B 324 -22.29 23.40 -8.45
N ASN B 325 -21.22 24.20 -8.57
CA ASN B 325 -20.44 24.63 -7.42
C ASN B 325 -20.39 26.14 -7.28
N ARG B 326 -20.08 26.62 -6.07
CA ARG B 326 -20.04 28.04 -5.77
C ARG B 326 -18.87 28.36 -4.86
N MET B 327 -18.01 29.27 -5.30
CA MET B 327 -16.91 29.74 -4.49
C MET B 327 -16.94 31.26 -4.36
N VAL B 328 -16.53 31.77 -3.19
CA VAL B 328 -16.55 33.20 -2.90
C VAL B 328 -15.14 33.76 -2.64
N ILE B 329 -14.93 35.03 -2.97
CA ILE B 329 -13.65 35.68 -2.71
C ILE B 329 -13.65 36.19 -1.28
N ASP B 330 -12.98 35.44 -0.40
CA ASP B 330 -13.07 35.66 1.03
C ASP B 330 -11.68 35.90 1.64
N GLU B 331 -11.61 36.78 2.64
CA GLU B 331 -10.35 37.05 3.34
C GLU B 331 -10.10 36.00 4.41
N GLN B 332 -11.18 35.35 4.83
CA GLN B 332 -11.12 34.20 5.72
C GLN B 332 -10.98 32.91 4.88
N GLN B 333 -11.27 33.03 3.57
CA GLN B 333 -10.99 32.02 2.53
C GLN B 333 -11.90 30.77 2.55
N SER B 334 -13.21 31.00 2.56
CA SER B 334 -14.21 29.92 2.56
C SER B 334 -14.04 28.94 1.38
N PRO B 335 -14.14 27.62 1.65
CA PRO B 335 -13.98 26.63 0.60
C PRO B 335 -15.23 26.51 -0.28
N ASP B 336 -15.04 26.24 -1.58
CA ASP B 336 -16.16 26.13 -2.50
C ASP B 336 -17.09 24.98 -2.10
N ILE B 337 -18.38 25.15 -2.32
CA ILE B 337 -19.37 24.13 -1.95
C ILE B 337 -20.26 23.70 -3.12
N ILE B 338 -20.82 22.50 -3.02
CA ILE B 338 -21.72 21.97 -4.04
C ILE B 338 -23.17 22.36 -3.70
N LEU B 339 -23.91 22.82 -4.70
CA LEU B 339 -25.29 23.24 -4.48
C LEU B 339 -26.24 22.05 -4.57
N PRO B 340 -27.09 21.88 -3.54
CA PRO B 340 -28.01 20.73 -3.48
C PRO B 340 -29.06 20.71 -4.59
N ILE B 341 -28.63 20.37 -5.81
CA ILE B 341 -29.53 20.36 -6.96
C ILE B 341 -29.63 18.97 -7.59
N HIS B 342 -30.86 18.50 -7.80
CA HIS B 342 -31.09 17.13 -8.23
C HIS B 342 -31.08 16.93 -9.75
N SER B 343 -30.71 15.73 -10.17
CA SER B 343 -30.86 15.25 -11.55
C SER B 343 -29.76 15.65 -12.55
N LEU B 344 -28.73 16.37 -12.08
CA LEU B 344 -27.62 16.81 -12.93
C LEU B 344 -26.88 15.63 -13.58
N ARG B 345 -26.82 15.62 -14.92
CA ARG B 345 -26.23 14.49 -15.65
C ARG B 345 -25.05 14.83 -16.55
N ASN B 346 -25.15 15.94 -17.28
CA ASN B 346 -24.06 16.43 -18.11
C ASN B 346 -24.22 17.94 -18.36
N VAL B 347 -23.92 18.72 -17.32
CA VAL B 347 -23.95 20.18 -17.42
C VAL B 347 -22.91 20.67 -18.43
N ARG B 348 -23.38 21.33 -19.48
CA ARG B 348 -22.54 21.78 -20.58
C ARG B 348 -22.14 23.26 -20.46
N ALA B 349 -23.05 24.06 -19.92
CA ALA B 349 -22.80 25.49 -19.68
C ALA B 349 -23.74 26.01 -18.59
N ILE B 350 -23.34 27.08 -17.92
CA ILE B 350 -24.20 27.72 -16.91
C ILE B 350 -24.32 29.25 -17.09
N ASP B 351 -25.42 29.81 -16.60
CA ASP B 351 -25.62 31.26 -16.57
C ASP B 351 -26.37 31.60 -15.28
N TYR B 352 -26.74 32.88 -15.10
CA TYR B 352 -27.34 33.31 -13.84
C TYR B 352 -28.10 34.63 -13.96
N ASP B 353 -29.20 34.72 -13.22
CA ASP B 353 -30.06 35.90 -13.21
C ASP B 353 -30.02 36.54 -11.80
N PRO B 354 -29.28 37.67 -11.68
CA PRO B 354 -29.08 38.34 -10.39
C PRO B 354 -30.32 39.01 -9.81
N LEU B 355 -31.34 39.23 -10.65
CA LEU B 355 -32.56 39.86 -10.18
C LEU B 355 -33.40 38.85 -9.37
N ASP B 356 -33.83 37.78 -10.02
CA ASP B 356 -34.62 36.74 -9.35
C ASP B 356 -33.76 35.80 -8.51
N LYS B 357 -32.44 35.85 -8.73
CA LYS B 357 -31.48 34.98 -8.04
C LYS B 357 -31.56 33.53 -8.51
N GLN B 358 -32.05 33.34 -9.73
CA GLN B 358 -32.25 32.01 -10.34
C GLN B 358 -31.02 31.59 -11.15
N LEU B 359 -30.67 30.32 -11.03
CA LEU B 359 -29.48 29.76 -11.68
C LEU B 359 -29.85 28.86 -12.86
N TYR B 360 -29.27 29.14 -14.02
CA TYR B 360 -29.61 28.46 -15.27
C TYR B 360 -28.44 27.64 -15.78
N TRP B 361 -28.75 26.46 -16.33
CA TRP B 361 -27.74 25.58 -16.95
C TRP B 361 -28.33 24.75 -18.08
N ILE B 362 -27.48 24.33 -19.01
CA ILE B 362 -27.88 23.41 -20.07
C ILE B 362 -27.27 22.02 -19.86
N ASP B 363 -28.13 21.01 -19.79
CA ASP B 363 -27.71 19.61 -19.62
C ASP B 363 -27.66 18.91 -20.98
N SER B 364 -26.58 18.17 -21.23
CA SER B 364 -26.39 17.47 -22.52
C SER B 364 -27.38 16.32 -22.71
N ARG B 365 -27.34 15.33 -21.80
CA ARG B 365 -28.36 14.29 -21.74
C ARG B 365 -29.64 14.94 -21.23
N GLN B 366 -30.75 14.69 -21.93
CA GLN B 366 -32.04 15.37 -21.71
C GLN B 366 -32.31 16.43 -22.78
N ASN B 367 -31.24 16.99 -23.34
CA ASN B 367 -31.32 18.08 -24.34
C ASN B 367 -32.18 19.25 -23.88
N MET B 368 -31.94 19.73 -22.66
CA MET B 368 -32.77 20.78 -22.09
C MET B 368 -31.98 21.81 -21.29
N ILE B 369 -32.56 23.01 -21.18
CA ILE B 369 -32.04 24.07 -20.33
C ILE B 369 -32.92 24.15 -19.09
N ARG B 370 -32.31 24.25 -17.91
CA ARG B 370 -33.06 24.18 -16.66
C ARG B 370 -32.67 25.29 -15.70
N LYS B 371 -33.57 25.64 -14.79
CA LYS B 371 -33.31 26.66 -13.75
C LYS B 371 -33.66 26.17 -12.35
N ALA B 372 -33.09 26.84 -11.34
CA ALA B 372 -33.39 26.59 -9.92
C ALA B 372 -32.61 27.57 -9.06
N GLN B 373 -32.96 27.66 -7.78
CA GLN B 373 -32.26 28.57 -6.86
C GLN B 373 -30.88 28.04 -6.46
N GLU B 374 -30.27 28.67 -5.45
CA GLU B 374 -28.99 28.22 -4.91
C GLU B 374 -29.18 26.96 -4.08
N ASP B 375 -30.35 26.84 -3.47
CA ASP B 375 -30.75 25.69 -2.68
C ASP B 375 -31.62 24.73 -3.49
N GLY B 376 -31.74 25.00 -4.78
CA GLY B 376 -32.46 24.13 -5.73
C GLY B 376 -33.97 24.02 -5.57
N SER B 377 -34.52 24.75 -4.61
CA SER B 377 -35.93 24.62 -4.23
C SER B 377 -36.94 24.99 -5.34
N GLN B 378 -36.54 25.87 -6.26
CA GLN B 378 -37.43 26.26 -7.36
C GLN B 378 -37.04 25.62 -8.70
N GLY B 379 -36.83 24.31 -8.67
CA GLY B 379 -36.44 23.54 -9.85
C GLY B 379 -37.48 23.56 -10.96
N PHE B 380 -37.06 24.00 -12.14
CA PHE B 380 -37.95 24.13 -13.29
C PHE B 380 -37.15 24.11 -14.59
N THR B 381 -37.67 23.39 -15.58
CA THR B 381 -37.03 23.31 -16.89
C THR B 381 -37.48 24.45 -17.80
N VAL B 382 -36.53 25.09 -18.49
CA VAL B 382 -36.81 26.29 -19.31
C VAL B 382 -37.15 25.97 -20.78
N VAL B 383 -36.30 25.21 -21.46
CA VAL B 383 -36.59 24.79 -22.84
C VAL B 383 -36.33 23.30 -23.08
N VAL B 384 -37.18 22.67 -23.89
CA VAL B 384 -37.04 21.25 -24.25
C VAL B 384 -37.77 20.93 -25.55
N ILE B 394 -33.03 18.80 -32.03
CA ILE B 394 -32.98 20.06 -31.28
C ILE B 394 -32.11 19.94 -30.02
N GLN B 395 -30.94 20.54 -30.08
CA GLN B 395 -29.87 20.29 -29.13
C GLN B 395 -29.11 21.60 -28.84
N PRO B 396 -29.35 22.20 -27.65
CA PRO B 396 -28.63 23.43 -27.29
C PRO B 396 -27.15 23.18 -26.97
N TYR B 397 -26.34 24.22 -27.12
CA TYR B 397 -24.89 24.12 -26.94
C TYR B 397 -24.37 25.04 -25.83
N ASP B 398 -24.65 26.34 -25.95
CA ASP B 398 -24.20 27.34 -24.99
C ASP B 398 -25.31 28.37 -24.77
N LEU B 399 -25.32 28.99 -23.59
CA LEU B 399 -26.35 29.96 -23.25
C LEU B 399 -25.78 31.29 -22.72
N SER B 400 -26.49 32.37 -22.96
CA SER B 400 -26.15 33.70 -22.43
C SER B 400 -27.43 34.45 -22.08
N ILE B 401 -27.54 34.91 -20.84
CA ILE B 401 -28.77 35.55 -20.35
C ILE B 401 -28.73 37.07 -20.44
N ASP B 402 -29.71 37.64 -21.14
CA ASP B 402 -29.99 39.05 -21.09
C ASP B 402 -30.79 39.30 -19.81
N ILE B 403 -30.18 39.97 -18.84
CA ILE B 403 -30.84 40.21 -17.55
C ILE B 403 -31.85 41.36 -17.58
N TYR B 404 -31.75 42.22 -18.60
CA TYR B 404 -32.59 43.41 -18.74
C TYR B 404 -33.89 43.12 -19.50
N SER B 405 -33.75 42.66 -20.74
CA SER B 405 -34.89 42.28 -21.56
C SER B 405 -35.57 41.01 -21.03
N ARG B 406 -34.88 40.36 -20.09
CA ARG B 406 -35.32 39.12 -19.43
C ARG B 406 -35.41 37.93 -20.40
N TYR B 407 -34.45 37.86 -21.33
CA TYR B 407 -34.37 36.77 -22.30
C TYR B 407 -33.09 35.96 -22.12
N ILE B 408 -33.10 34.75 -22.65
CA ILE B 408 -31.91 33.92 -22.70
C ILE B 408 -31.60 33.56 -24.16
N TYR B 409 -30.39 33.91 -24.58
CA TYR B 409 -29.91 33.55 -25.91
C TYR B 409 -29.15 32.24 -25.83
N TRP B 410 -29.56 31.28 -26.64
CA TRP B 410 -28.86 30.00 -26.72
C TRP B 410 -28.64 29.57 -28.17
N THR B 411 -27.62 28.73 -28.38
CA THR B 411 -27.31 28.19 -29.71
C THR B 411 -27.78 26.76 -29.86
N CYS B 412 -28.21 26.39 -31.06
CA CYS B 412 -28.61 25.02 -31.35
C CYS B 412 -27.48 24.26 -32.06
N GLU B 413 -27.01 23.20 -31.41
CA GLU B 413 -25.96 22.31 -31.95
C GLU B 413 -26.52 21.46 -33.08
N ALA B 414 -27.82 21.17 -33.01
CA ALA B 414 -28.51 20.34 -33.99
C ALA B 414 -28.98 21.11 -35.23
N THR B 415 -29.68 22.22 -35.01
CA THR B 415 -30.26 22.98 -36.11
C THR B 415 -29.50 24.28 -36.45
N ASN B 416 -28.30 24.42 -35.87
CA ASN B 416 -27.40 25.57 -36.11
C ASN B 416 -28.09 26.94 -36.13
N VAL B 417 -28.67 27.31 -35.00
CA VAL B 417 -29.46 28.54 -34.90
C VAL B 417 -29.28 29.19 -33.54
N ILE B 418 -29.38 30.53 -33.49
CA ILE B 418 -29.42 31.26 -32.21
C ILE B 418 -30.87 31.56 -31.84
N ASN B 419 -31.42 30.71 -30.98
CA ASN B 419 -32.83 30.79 -30.56
C ASN B 419 -32.91 31.54 -29.25
N VAL B 420 -33.89 32.44 -29.14
CA VAL B 420 -34.08 33.24 -27.93
C VAL B 420 -35.44 32.94 -27.29
N THR B 421 -35.46 32.88 -25.96
CA THR B 421 -36.62 32.44 -25.20
C THR B 421 -36.72 33.22 -23.88
N ARG B 422 -37.92 33.35 -23.34
CA ARG B 422 -38.15 34.01 -22.06
C ARG B 422 -37.82 33.09 -20.89
N LEU B 423 -37.54 33.69 -19.73
CA LEU B 423 -37.16 32.94 -18.54
C LEU B 423 -38.30 32.12 -17.96
N ASP B 424 -39.53 32.52 -18.26
CA ASP B 424 -40.72 31.75 -17.85
C ASP B 424 -40.86 30.45 -18.66
N GLY B 425 -40.42 30.49 -19.93
CA GLY B 425 -40.46 29.32 -20.79
C GLY B 425 -41.02 29.56 -22.17
N ARG B 426 -41.73 30.67 -22.35
CA ARG B 426 -42.32 31.01 -23.65
C ARG B 426 -41.28 31.42 -24.66
N SER B 427 -41.39 30.87 -25.87
CA SER B 427 -40.43 31.17 -26.93
C SER B 427 -40.64 32.55 -27.54
N VAL B 428 -39.54 33.17 -27.93
CA VAL B 428 -39.57 34.46 -28.61
C VAL B 428 -39.36 34.23 -30.10
N GLY B 429 -38.41 33.35 -30.43
CA GLY B 429 -38.09 33.00 -31.81
C GLY B 429 -36.58 32.94 -32.01
N VAL B 430 -36.16 32.70 -33.24
CA VAL B 430 -34.72 32.71 -33.56
C VAL B 430 -34.32 34.06 -34.14
N VAL B 431 -33.06 34.45 -33.96
CA VAL B 431 -32.57 35.73 -34.45
C VAL B 431 -31.51 35.58 -35.54
N LEU B 432 -30.87 34.41 -35.58
CA LEU B 432 -29.79 34.15 -36.50
C LEU B 432 -29.83 32.72 -36.98
N LYS B 433 -30.09 32.56 -38.27
CA LYS B 433 -30.02 31.25 -38.92
C LYS B 433 -29.32 31.44 -40.26
N GLY B 434 -28.41 30.54 -40.59
CA GLY B 434 -27.66 30.64 -41.85
C GLY B 434 -27.16 29.32 -42.39
N GLU B 435 -27.09 29.24 -43.72
CA GLU B 435 -26.43 28.13 -44.40
C GLU B 435 -24.93 28.26 -44.20
N GLN B 436 -24.29 27.16 -43.84
CA GLN B 436 -22.86 27.13 -43.53
C GLN B 436 -22.52 27.81 -42.18
N ASP B 437 -23.55 28.35 -41.52
CA ASP B 437 -23.39 28.96 -40.19
C ASP B 437 -23.51 27.93 -39.09
N ARG B 438 -22.51 27.90 -38.22
CA ARG B 438 -22.47 26.97 -37.10
C ARG B 438 -22.23 27.75 -35.82
N PRO B 439 -23.28 28.39 -35.28
CA PRO B 439 -23.11 29.23 -34.09
C PRO B 439 -22.91 28.38 -32.84
N ARG B 440 -21.91 28.72 -32.04
CA ARG B 440 -21.58 27.89 -30.89
C ARG B 440 -21.58 28.64 -29.56
N ALA B 441 -20.45 29.23 -29.16
CA ALA B 441 -20.41 30.00 -27.93
C ALA B 441 -21.06 31.36 -28.16
N ILE B 442 -21.65 31.91 -27.09
CA ILE B 442 -22.41 33.17 -27.19
C ILE B 442 -22.33 33.96 -25.89
N VAL B 443 -22.22 35.27 -26.02
CA VAL B 443 -22.29 36.18 -24.88
C VAL B 443 -22.96 37.48 -25.29
N VAL B 444 -23.93 37.92 -24.50
CA VAL B 444 -24.69 39.13 -24.82
C VAL B 444 -24.21 40.36 -24.05
N ASN B 445 -24.25 41.51 -24.73
CA ASN B 445 -24.00 42.79 -24.08
C ASN B 445 -25.19 43.71 -24.33
N PRO B 446 -26.27 43.55 -23.54
CA PRO B 446 -27.50 44.32 -23.77
C PRO B 446 -27.33 45.81 -23.52
N GLU B 447 -26.32 46.18 -22.73
CA GLU B 447 -26.00 47.58 -22.46
C GLU B 447 -25.59 48.33 -23.74
N LYS B 448 -25.02 47.60 -24.69
CA LYS B 448 -24.63 48.19 -25.96
C LYS B 448 -25.46 47.61 -27.10
N GLY B 449 -26.34 46.68 -26.78
CA GLY B 449 -27.26 46.12 -27.75
C GLY B 449 -26.65 45.16 -28.75
N TYR B 450 -25.43 44.72 -28.46
CA TYR B 450 -24.75 43.71 -29.29
C TYR B 450 -24.63 42.37 -28.57
N MET B 451 -24.61 41.30 -29.36
CA MET B 451 -24.26 39.96 -28.90
C MET B 451 -22.95 39.53 -29.56
N TYR B 452 -22.23 38.63 -28.90
CA TYR B 452 -21.00 38.10 -29.46
C TYR B 452 -21.10 36.59 -29.53
N PHE B 453 -20.63 36.00 -30.62
CA PHE B 453 -20.71 34.55 -30.79
C PHE B 453 -19.60 33.99 -31.68
N THR B 454 -19.33 32.69 -31.51
CA THR B 454 -18.43 31.97 -32.38
C THR B 454 -19.21 31.33 -33.52
N ASN B 455 -18.55 31.21 -34.67
CA ASN B 455 -19.15 30.60 -35.84
C ASN B 455 -18.18 29.56 -36.39
N LEU B 456 -18.37 28.30 -36.00
CA LEU B 456 -17.43 27.23 -36.34
C LEU B 456 -17.72 26.60 -37.70
N GLN B 457 -17.33 27.30 -38.76
CA GLN B 457 -17.46 26.78 -40.11
C GLN B 457 -16.36 25.76 -40.40
N GLU B 458 -16.49 25.06 -41.53
CA GLU B 458 -15.52 24.05 -41.94
C GLU B 458 -14.18 24.69 -42.30
N ARG B 459 -13.15 24.31 -41.52
CA ARG B 459 -11.80 24.94 -41.57
C ARG B 459 -11.85 26.46 -41.75
N SER B 460 -12.84 27.08 -41.12
CA SER B 460 -13.06 28.51 -41.25
C SER B 460 -13.75 29.13 -40.02
N PRO B 461 -13.19 28.89 -38.81
CA PRO B 461 -13.79 29.47 -37.60
C PRO B 461 -13.81 30.99 -37.62
N LYS B 462 -14.82 31.58 -36.99
CA LYS B 462 -14.96 33.04 -36.93
C LYS B 462 -15.50 33.48 -35.56
N ILE B 463 -15.14 34.69 -35.14
CA ILE B 463 -15.79 35.32 -33.98
C ILE B 463 -16.57 36.52 -34.47
N GLU B 464 -17.88 36.53 -34.21
CA GLU B 464 -18.78 37.49 -34.84
C GLU B 464 -19.50 38.38 -33.86
N ARG B 465 -19.99 39.52 -34.37
CA ARG B 465 -20.81 40.44 -33.61
C ARG B 465 -22.00 40.83 -34.47
N ALA B 466 -23.15 40.93 -33.82
CA ALA B 466 -24.37 41.39 -34.47
C ALA B 466 -25.24 42.08 -33.43
N ALA B 467 -26.20 42.86 -33.89
CA ALA B 467 -27.20 43.43 -33.01
C ALA B 467 -27.98 42.29 -32.35
N LEU B 468 -28.56 42.56 -31.18
CA LEU B 468 -29.32 41.56 -30.44
C LEU B 468 -30.56 41.05 -31.18
N ASP B 469 -30.75 41.50 -32.42
CA ASP B 469 -31.81 41.00 -33.29
C ASP B 469 -31.27 40.38 -34.59
N GLY B 470 -29.98 40.01 -34.58
CA GLY B 470 -29.36 39.33 -35.72
C GLY B 470 -28.90 40.22 -36.87
N THR B 471 -29.25 41.51 -36.80
CA THR B 471 -28.86 42.47 -37.84
C THR B 471 -27.49 43.06 -37.52
N GLU B 472 -26.98 43.93 -38.40
CA GLU B 472 -25.68 44.58 -38.21
C GLU B 472 -24.56 43.54 -38.04
N ARG B 473 -24.68 42.43 -38.74
CA ARG B 473 -23.77 41.30 -38.57
C ARG B 473 -22.43 41.57 -39.24
N GLU B 474 -21.36 41.28 -38.51
CA GLU B 474 -20.01 41.43 -39.01
C GLU B 474 -19.08 40.41 -38.36
N VAL B 475 -17.99 40.10 -39.03
CA VAL B 475 -16.96 39.20 -38.49
C VAL B 475 -15.89 40.06 -37.84
N LEU B 476 -15.61 39.79 -36.57
CA LEU B 476 -14.55 40.51 -35.86
C LEU B 476 -13.18 39.87 -36.04
N PHE B 477 -13.14 38.54 -36.00
CA PHE B 477 -11.88 37.80 -36.10
C PHE B 477 -11.93 36.61 -37.07
N PHE B 478 -10.84 36.46 -37.81
CA PHE B 478 -10.77 35.56 -38.96
C PHE B 478 -9.62 34.56 -38.81
N SER B 479 -8.51 35.03 -38.25
CA SER B 479 -7.27 34.27 -38.19
C SER B 479 -6.87 33.95 -36.76
N GLY B 480 -6.04 32.91 -36.60
CA GLY B 480 -5.54 32.52 -35.29
C GLY B 480 -6.61 31.88 -34.41
N LEU B 481 -7.57 31.23 -35.07
CA LEU B 481 -8.59 30.44 -34.39
C LEU B 481 -8.53 29.01 -34.92
N SER B 482 -9.16 28.09 -34.18
CA SER B 482 -9.33 26.72 -34.65
C SER B 482 -10.60 26.14 -34.02
N LYS B 483 -10.71 26.27 -32.70
CA LYS B 483 -11.87 25.78 -31.95
C LYS B 483 -12.16 26.71 -30.75
N PRO B 484 -12.58 27.97 -31.02
CA PRO B 484 -12.93 28.89 -29.94
C PRO B 484 -14.25 28.51 -29.29
N ILE B 485 -14.18 28.17 -28.01
CA ILE B 485 -15.23 27.38 -27.36
C ILE B 485 -16.02 28.13 -26.28
N ALA B 486 -15.46 29.21 -25.76
CA ALA B 486 -16.08 29.99 -24.69
C ALA B 486 -15.79 31.48 -24.81
N LEU B 487 -16.82 32.29 -24.58
CA LEU B 487 -16.69 33.74 -24.64
C LEU B 487 -17.11 34.40 -23.33
N ALA B 488 -16.44 35.49 -22.98
CA ALA B 488 -16.80 36.29 -21.82
C ALA B 488 -16.54 37.76 -22.12
N LEU B 489 -17.19 38.65 -21.36
CA LEU B 489 -16.95 40.08 -21.51
C LEU B 489 -17.11 40.84 -20.20
N ASP B 490 -16.36 41.92 -20.04
CA ASP B 490 -16.54 42.83 -18.90
C ASP B 490 -16.62 44.26 -19.41
N SER B 491 -17.76 44.91 -19.15
CA SER B 491 -17.98 46.28 -19.57
C SER B 491 -16.98 47.25 -18.93
N ARG B 492 -16.66 47.03 -17.65
CA ARG B 492 -15.72 47.86 -16.88
C ARG B 492 -14.34 47.92 -17.52
N LEU B 493 -13.88 46.79 -18.04
CA LEU B 493 -12.59 46.71 -18.70
C LEU B 493 -12.73 46.90 -20.20
N GLY B 494 -13.96 46.77 -20.70
CA GLY B 494 -14.27 47.04 -22.10
C GLY B 494 -13.59 46.08 -23.04
N LYS B 495 -13.60 44.80 -22.68
CA LYS B 495 -12.93 43.78 -23.47
C LYS B 495 -13.75 42.50 -23.62
N LEU B 496 -13.61 41.86 -24.78
CA LEU B 496 -14.17 40.54 -25.01
C LEU B 496 -13.07 39.51 -24.93
N PHE B 497 -13.24 38.54 -24.03
CA PHE B 497 -12.27 37.47 -23.86
C PHE B 497 -12.81 36.20 -24.45
N TRP B 498 -11.90 35.41 -25.02
CA TRP B 498 -12.24 34.10 -25.57
C TRP B 498 -11.11 33.08 -25.42
N ALA B 499 -11.49 31.84 -25.11
CA ALA B 499 -10.55 30.73 -25.04
C ALA B 499 -10.57 29.91 -26.31
N ASP B 500 -9.40 29.43 -26.72
CA ASP B 500 -9.27 28.53 -27.87
C ASP B 500 -8.69 27.20 -27.40
N SER B 501 -9.45 26.14 -27.62
CA SER B 501 -9.10 24.79 -27.17
C SER B 501 -7.96 24.16 -27.97
N ASP B 502 -7.93 24.42 -29.27
CA ASP B 502 -6.98 23.81 -30.19
C ASP B 502 -5.61 24.48 -30.24
N LEU B 503 -5.53 25.71 -29.75
CA LEU B 503 -4.24 26.40 -29.72
C LEU B 503 -3.74 26.55 -28.28
N ARG B 504 -4.57 26.11 -27.33
CA ARG B 504 -4.26 26.19 -25.89
C ARG B 504 -3.87 27.61 -25.50
N ARG B 505 -4.74 28.55 -25.82
CA ARG B 505 -4.49 29.96 -25.56
C ARG B 505 -5.75 30.67 -25.08
N ILE B 506 -5.56 31.88 -24.55
CA ILE B 506 -6.65 32.76 -24.18
C ILE B 506 -6.40 34.14 -24.78
N GLU B 507 -7.34 34.61 -25.60
CA GLU B 507 -7.20 35.88 -26.29
C GLU B 507 -8.22 36.91 -25.85
N SER B 508 -7.82 38.18 -25.91
CA SER B 508 -8.62 39.30 -25.44
C SER B 508 -8.60 40.40 -26.48
N SER B 509 -9.72 41.13 -26.59
CA SER B 509 -9.78 42.29 -27.47
C SER B 509 -10.71 43.34 -26.91
N ASP B 510 -10.56 44.58 -27.39
CA ASP B 510 -11.57 45.62 -27.18
C ASP B 510 -12.87 45.13 -27.77
N LEU B 511 -13.98 45.47 -27.11
CA LEU B 511 -15.30 45.06 -27.55
C LEU B 511 -15.64 45.51 -28.99
N SER B 512 -14.86 46.45 -29.50
CA SER B 512 -14.99 46.90 -30.88
C SER B 512 -14.33 45.94 -31.85
N GLY B 513 -13.33 45.21 -31.37
CA GLY B 513 -12.63 44.22 -32.20
C GLY B 513 -11.19 44.61 -32.54
N ALA B 514 -10.68 45.59 -31.80
CA ALA B 514 -9.31 46.09 -31.98
C ALA B 514 -8.46 45.72 -30.78
N ASN B 515 -7.14 45.75 -30.96
CA ASN B 515 -6.18 45.35 -29.93
C ASN B 515 -6.36 43.90 -29.48
N ARG B 516 -6.19 42.96 -30.41
CA ARG B 516 -6.15 41.55 -30.00
C ARG B 516 -4.80 41.23 -29.34
N ILE B 517 -4.87 40.75 -28.10
CA ILE B 517 -3.68 40.40 -27.32
C ILE B 517 -3.82 38.96 -26.83
N VAL B 518 -2.74 38.19 -26.95
CA VAL B 518 -2.67 36.86 -26.34
C VAL B 518 -2.35 37.07 -24.86
N LEU B 519 -3.15 36.47 -23.98
CA LEU B 519 -2.95 36.64 -22.53
C LEU B 519 -2.10 35.53 -21.92
N GLU B 520 -2.53 34.28 -22.08
CA GLU B 520 -1.75 33.10 -21.69
C GLU B 520 -1.83 32.09 -22.80
N ASP B 521 -0.73 31.39 -23.07
CA ASP B 521 -0.67 30.40 -24.13
C ASP B 521 0.28 29.25 -23.82
N SER B 522 0.77 29.21 -22.58
CA SER B 522 1.80 28.28 -22.18
C SER B 522 1.26 27.06 -21.44
N ASN B 523 0.96 27.21 -20.15
CA ASN B 523 0.58 26.08 -19.29
C ASN B 523 -0.90 25.67 -19.38
N ILE B 524 -1.52 25.97 -20.51
CA ILE B 524 -2.90 25.58 -20.75
C ILE B 524 -2.93 24.36 -21.67
N LEU B 525 -3.83 23.43 -21.38
CA LEU B 525 -3.92 22.19 -22.14
C LEU B 525 -5.28 22.04 -22.84
N GLN B 526 -6.35 22.46 -22.18
CA GLN B 526 -7.69 22.50 -22.76
C GLN B 526 -8.58 23.53 -22.05
N PRO B 527 -8.53 24.81 -22.52
CA PRO B 527 -9.37 25.85 -21.92
C PRO B 527 -10.80 25.80 -22.46
N VAL B 528 -11.75 25.57 -21.56
CA VAL B 528 -13.16 25.46 -21.93
C VAL B 528 -14.04 26.18 -20.89
N GLY B 529 -14.11 27.50 -21.01
CA GLY B 529 -14.92 28.33 -20.12
C GLY B 529 -14.14 29.36 -19.35
N LEU B 530 -14.61 30.61 -19.39
CA LEU B 530 -13.97 31.71 -18.67
C LEU B 530 -14.97 32.81 -18.30
N THR B 531 -14.70 33.49 -17.19
CA THR B 531 -15.36 34.76 -16.85
C THR B 531 -14.40 35.66 -16.10
N VAL B 532 -14.86 36.86 -15.77
CA VAL B 532 -14.09 37.84 -15.03
C VAL B 532 -14.75 38.15 -13.70
N PHE B 533 -13.97 38.24 -12.64
CA PHE B 533 -14.53 38.61 -11.36
C PHE B 533 -14.47 40.12 -11.16
N GLU B 534 -13.32 40.60 -10.71
CA GLU B 534 -13.13 42.03 -10.49
C GLU B 534 -12.10 42.52 -11.49
N ASN B 535 -10.83 42.30 -11.14
CA ASN B 535 -9.73 42.57 -12.03
C ASN B 535 -8.99 41.27 -12.36
N TRP B 536 -9.70 40.15 -12.22
CA TRP B 536 -9.14 38.83 -12.49
C TRP B 536 -9.96 38.09 -13.54
N LEU B 537 -9.27 37.35 -14.42
CA LEU B 537 -9.92 36.50 -15.40
C LEU B 537 -9.76 35.03 -15.02
N TYR B 538 -10.83 34.46 -14.47
CA TYR B 538 -10.86 33.04 -14.12
C TYR B 538 -11.17 32.21 -15.35
N TRP B 539 -10.50 31.07 -15.48
CA TRP B 539 -10.75 30.17 -16.62
C TRP B 539 -10.62 28.71 -16.23
N ILE B 540 -11.17 27.84 -17.07
CA ILE B 540 -11.26 26.42 -16.79
C ILE B 540 -10.46 25.57 -17.77
N ASP B 541 -9.52 24.79 -17.21
CA ASP B 541 -8.78 23.79 -17.99
C ASP B 541 -9.31 22.42 -17.62
N LYS B 542 -9.90 21.73 -18.59
CA LYS B 542 -10.55 20.46 -18.34
C LYS B 542 -9.55 19.34 -18.10
N GLN B 543 -8.60 19.19 -19.02
CA GLN B 543 -7.60 18.12 -18.95
C GLN B 543 -6.70 18.28 -17.73
N GLN B 544 -6.15 19.47 -17.53
CA GLN B 544 -5.36 19.77 -16.33
C GLN B 544 -6.27 19.88 -15.09
N GLN B 545 -7.58 19.72 -15.30
CA GLN B 545 -8.62 19.79 -14.26
C GLN B 545 -8.35 20.77 -13.11
N MET B 546 -8.17 22.04 -13.50
CA MET B 546 -7.90 23.12 -12.55
C MET B 546 -8.46 24.46 -13.03
N ILE B 547 -8.63 25.38 -12.10
CA ILE B 547 -9.10 26.73 -12.37
C ILE B 547 -7.96 27.71 -12.10
N GLU B 548 -7.67 28.54 -13.09
CA GLU B 548 -6.59 29.51 -12.98
C GLU B 548 -7.10 30.93 -13.19
N LYS B 549 -6.39 31.91 -12.64
CA LYS B 549 -6.72 33.32 -12.86
C LYS B 549 -5.51 34.13 -13.33
N ILE B 550 -5.79 35.28 -13.96
CA ILE B 550 -4.76 36.23 -14.36
C ILE B 550 -5.22 37.65 -14.04
N ASP B 551 -4.33 38.44 -13.43
CA ASP B 551 -4.64 39.80 -13.00
C ASP B 551 -4.71 40.74 -14.21
N MET B 552 -5.86 41.39 -14.36
CA MET B 552 -6.13 42.26 -15.50
C MET B 552 -5.41 43.60 -15.40
N THR B 553 -5.15 44.05 -14.18
CA THR B 553 -4.29 45.21 -13.94
C THR B 553 -2.97 44.71 -13.37
N GLY B 554 -2.09 44.29 -14.26
CA GLY B 554 -0.85 43.56 -13.93
C GLY B 554 -0.11 43.94 -12.67
N ARG B 555 -0.60 43.49 -11.53
CA ARG B 555 0.07 43.68 -10.25
C ARG B 555 0.58 42.35 -9.74
N GLU B 556 -0.33 41.39 -9.55
CA GLU B 556 0.02 40.01 -9.28
C GLU B 556 0.12 39.24 -10.59
N GLY B 557 0.82 38.10 -10.57
CA GLY B 557 0.94 37.25 -11.75
C GLY B 557 -0.10 36.14 -11.76
N ARG B 558 0.04 35.23 -12.72
CA ARG B 558 -0.83 34.07 -12.88
C ARG B 558 -0.93 33.26 -11.58
N THR B 559 -2.14 32.85 -11.23
CA THR B 559 -2.38 32.21 -9.94
C THR B 559 -3.39 31.04 -10.07
N LYS B 560 -3.01 29.89 -9.52
CA LYS B 560 -3.84 28.68 -9.52
C LYS B 560 -4.88 28.77 -8.40
N VAL B 561 -6.16 28.74 -8.77
CA VAL B 561 -7.26 28.92 -7.83
C VAL B 561 -7.63 27.62 -7.15
N GLN B 562 -7.79 26.57 -7.95
CA GLN B 562 -8.15 25.24 -7.49
C GLN B 562 -7.47 24.26 -8.43
N ALA B 563 -7.14 23.08 -7.92
CA ALA B 563 -6.52 22.05 -8.73
C ALA B 563 -7.17 20.69 -8.50
N ARG B 564 -6.97 19.77 -9.45
CA ARG B 564 -7.36 18.37 -9.28
C ARG B 564 -8.87 18.26 -9.15
N ILE B 565 -9.60 18.93 -10.03
CA ILE B 565 -11.06 18.98 -9.92
C ILE B 565 -11.75 17.72 -10.47
N ALA B 566 -12.12 17.75 -11.74
CA ALA B 566 -12.95 16.69 -12.34
C ALA B 566 -13.17 16.97 -13.81
N GLN B 567 -14.37 16.64 -14.30
CA GLN B 567 -14.77 16.95 -15.67
C GLN B 567 -15.53 18.28 -15.69
N LEU B 568 -14.88 19.33 -15.21
CA LEU B 568 -15.46 20.67 -15.16
C LEU B 568 -15.76 21.21 -16.57
N SER B 569 -16.86 21.94 -16.68
CA SER B 569 -17.43 22.27 -17.98
C SER B 569 -17.59 23.76 -18.27
N ASP B 570 -17.95 24.54 -17.24
CA ASP B 570 -18.24 25.97 -17.43
C ASP B 570 -18.14 26.80 -16.14
N ILE B 571 -17.82 28.08 -16.31
CA ILE B 571 -17.60 29.00 -15.20
C ILE B 571 -18.33 30.33 -15.45
N HIS B 572 -18.88 30.89 -14.38
CA HIS B 572 -19.67 32.12 -14.43
C HIS B 572 -19.46 32.92 -13.16
N ALA B 573 -19.11 34.19 -13.32
CA ALA B 573 -19.03 35.11 -12.18
C ALA B 573 -20.38 35.79 -11.95
N VAL B 574 -20.69 35.99 -10.67
CA VAL B 574 -21.92 36.67 -10.29
C VAL B 574 -21.57 37.91 -9.49
N LYS B 575 -21.92 39.06 -10.07
CA LYS B 575 -21.63 40.36 -9.52
C LYS B 575 -22.88 40.90 -8.83
N GLU B 576 -22.71 41.92 -8.00
CA GLU B 576 -23.82 42.60 -7.31
C GLU B 576 -24.69 43.42 -8.28
N LEU B 577 -25.97 43.07 -8.35
CA LEU B 577 -26.92 43.79 -9.21
C LEU B 577 -27.38 45.07 -8.52
N ASN B 578 -26.92 46.21 -9.03
CA ASN B 578 -27.39 47.51 -8.58
C ASN B 578 -28.83 47.75 -9.08
N LEU B 579 -29.80 47.55 -8.19
CA LEU B 579 -31.21 47.54 -8.58
C LEU B 579 -31.69 48.90 -9.10
N GLN B 580 -31.00 49.97 -8.68
CA GLN B 580 -31.25 51.31 -9.22
C GLN B 580 -30.67 51.44 -10.63
N GLU B 581 -29.40 51.08 -10.77
CA GLU B 581 -28.67 51.17 -12.04
C GLU B 581 -29.20 50.19 -13.09
N TYR B 582 -29.92 49.17 -12.64
CA TYR B 582 -30.50 48.17 -13.53
C TYR B 582 -31.76 48.67 -14.21
N ARG B 583 -32.64 49.31 -13.44
CA ARG B 583 -33.94 49.77 -13.94
C ARG B 583 -33.82 50.92 -14.93
N GLN B 584 -32.68 51.62 -14.91
CA GLN B 584 -32.43 52.71 -15.84
C GLN B 584 -32.39 52.26 -17.28
N HIS B 585 -31.99 51.00 -17.49
CA HIS B 585 -31.98 50.41 -18.82
C HIS B 585 -33.40 50.38 -19.37
N PRO B 586 -33.61 50.97 -20.56
CA PRO B 586 -34.93 51.15 -21.15
C PRO B 586 -35.69 49.85 -21.41
N CYS B 587 -34.97 48.75 -21.59
CA CYS B 587 -35.59 47.44 -21.80
C CYS B 587 -35.99 46.74 -20.50
N ALA B 588 -35.55 47.28 -19.37
CA ALA B 588 -35.98 46.78 -18.07
C ALA B 588 -37.42 47.22 -17.77
N GLN B 589 -37.82 48.33 -18.37
CA GLN B 589 -39.17 48.89 -18.21
C GLN B 589 -40.19 48.15 -19.09
N ASP B 590 -40.65 46.99 -18.61
CA ASP B 590 -41.58 46.11 -19.34
C ASP B 590 -41.20 45.97 -20.81
N ASN B 591 -39.96 45.54 -21.04
CA ASN B 591 -39.39 45.30 -22.38
C ASN B 591 -39.48 46.50 -23.34
N GLY B 592 -39.60 47.70 -22.78
CA GLY B 592 -39.73 48.92 -23.57
C GLY B 592 -40.94 48.95 -24.49
N GLY B 593 -41.95 48.14 -24.17
CA GLY B 593 -43.18 48.05 -24.97
C GLY B 593 -43.11 47.05 -26.12
N CYS B 594 -41.93 46.49 -26.35
CA CYS B 594 -41.72 45.50 -27.42
C CYS B 594 -42.32 44.17 -27.05
N SER B 595 -42.98 43.54 -28.02
CA SER B 595 -43.62 42.24 -27.82
C SER B 595 -42.61 41.11 -27.99
N HIS B 596 -41.46 41.44 -28.58
CA HIS B 596 -40.45 40.43 -28.86
C HIS B 596 -39.05 40.88 -28.44
N ILE B 597 -38.32 41.55 -29.32
CA ILE B 597 -36.96 41.95 -29.01
C ILE B 597 -36.90 43.43 -28.67
N CYS B 598 -36.26 43.74 -27.55
CA CYS B 598 -35.96 45.11 -27.16
C CYS B 598 -34.46 45.27 -27.17
N LEU B 599 -33.96 46.20 -27.98
CA LEU B 599 -32.53 46.51 -28.00
C LEU B 599 -32.27 48.01 -27.92
N VAL B 600 -31.09 48.38 -27.41
CA VAL B 600 -30.65 49.78 -27.36
C VAL B 600 -29.55 50.03 -28.40
N LYS B 601 -29.84 50.89 -29.38
CA LYS B 601 -28.90 51.20 -30.45
C LYS B 601 -27.80 52.15 -29.98
N GLY B 602 -26.76 52.30 -30.81
CA GLY B 602 -25.56 53.06 -30.47
C GLY B 602 -25.76 54.52 -30.08
N ASP B 603 -26.72 55.18 -30.74
CA ASP B 603 -26.98 56.60 -30.52
C ASP B 603 -27.75 56.90 -29.24
N GLY B 604 -28.78 56.12 -28.97
CA GLY B 604 -29.59 56.30 -27.76
C GLY B 604 -31.01 55.80 -27.88
N THR B 605 -31.40 55.47 -29.11
CA THR B 605 -32.74 54.97 -29.39
C THR B 605 -32.98 53.62 -28.73
N THR B 606 -34.23 53.36 -28.40
CA THR B 606 -34.67 52.05 -27.95
C THR B 606 -35.60 51.51 -29.02
N ARG B 607 -35.10 50.58 -29.82
CA ARG B 607 -35.87 50.04 -30.94
C ARG B 607 -36.45 48.67 -30.56
N CYS B 608 -37.65 48.40 -31.09
CA CYS B 608 -38.24 47.07 -31.02
C CYS B 608 -37.93 46.31 -32.30
N SER B 609 -37.73 45.01 -32.16
CA SER B 609 -37.46 44.15 -33.32
C SER B 609 -38.09 42.78 -33.13
N CYS B 610 -38.07 41.99 -34.20
CA CYS B 610 -38.76 40.70 -34.26
C CYS B 610 -37.80 39.57 -34.64
N PRO B 611 -38.20 38.31 -34.38
CA PRO B 611 -37.43 37.13 -34.79
C PRO B 611 -37.28 37.00 -36.30
N MET B 612 -36.66 35.91 -36.74
CA MET B 612 -36.41 35.65 -38.17
C MET B 612 -37.70 35.64 -38.99
N HIS B 613 -38.73 34.97 -38.46
CA HIS B 613 -39.96 34.73 -39.22
C HIS B 613 -40.90 35.94 -39.28
N LEU B 614 -41.21 36.53 -38.13
CA LEU B 614 -42.15 37.66 -38.03
C LEU B 614 -41.62 38.96 -38.65
N VAL B 615 -42.52 39.96 -38.74
CA VAL B 615 -42.17 41.31 -39.18
C VAL B 615 -42.84 42.35 -38.30
N LEU B 616 -42.15 43.48 -38.11
CA LEU B 616 -42.63 44.58 -37.26
C LEU B 616 -43.83 45.29 -37.89
N LEU B 617 -44.79 45.65 -37.04
CA LEU B 617 -46.04 46.24 -37.49
C LEU B 617 -46.00 47.77 -37.52
N GLN B 618 -47.17 48.40 -37.61
CA GLN B 618 -47.28 49.85 -37.76
C GLN B 618 -46.99 50.62 -36.47
N ASP B 619 -47.38 50.03 -35.34
CA ASP B 619 -47.15 50.63 -34.02
C ASP B 619 -45.67 50.61 -33.60
N GLU B 620 -44.88 49.78 -34.31
CA GLU B 620 -43.45 49.60 -34.07
C GLU B 620 -43.15 49.07 -32.66
N LEU B 621 -43.93 48.07 -32.24
CA LEU B 621 -43.78 47.44 -30.93
C LEU B 621 -44.06 45.95 -31.02
N SER B 622 -45.16 45.59 -31.68
CA SER B 622 -45.58 44.20 -31.83
C SER B 622 -45.11 43.61 -33.15
N CYS B 623 -45.25 42.29 -33.30
CA CYS B 623 -44.82 41.62 -34.52
C CYS B 623 -45.87 40.63 -35.01
N GLN C 6 14.14 -7.85 16.76
CA GLN C 6 14.91 -8.35 15.57
C GLN C 6 14.03 -8.44 14.34
N GLU C 7 14.57 -8.06 13.18
CA GLU C 7 13.78 -8.00 11.94
C GLU C 7 13.34 -9.39 11.47
N GLY C 8 12.06 -9.69 11.67
CA GLY C 8 11.51 -11.00 11.33
C GLY C 8 10.98 -11.76 12.52
N SER C 9 11.37 -11.34 13.72
CA SER C 9 10.94 -11.97 14.98
C SER C 9 9.43 -11.87 15.19
N VAL C 10 8.85 -12.89 15.80
CA VAL C 10 7.43 -12.89 16.11
C VAL C 10 7.16 -11.91 17.27
N CYS C 11 6.22 -10.98 17.05
CA CYS C 11 5.87 -9.97 18.06
C CYS C 11 4.38 -9.91 18.35
N LEU C 12 4.05 -9.40 19.53
CA LEU C 12 2.67 -9.09 19.88
C LEU C 12 2.53 -7.59 20.17
N ARG C 13 3.53 -7.01 20.83
CA ARG C 13 3.57 -5.57 21.08
C ARG C 13 4.75 -4.94 20.33
N SER C 14 4.64 -3.64 20.06
CA SER C 14 5.66 -2.93 19.30
C SER C 14 6.97 -2.85 20.08
N SER C 15 6.86 -2.98 21.40
CA SER C 15 8.01 -2.93 22.31
C SER C 15 8.79 -4.26 22.40
N ASP C 16 8.26 -5.31 21.77
CA ASP C 16 9.00 -6.57 21.61
C ASP C 16 10.11 -6.39 20.57
N CYS C 17 9.95 -5.41 19.68
CA CYS C 17 10.89 -5.19 18.59
C CYS C 17 11.98 -4.20 18.95
N ALA C 18 13.15 -4.41 18.37
CA ALA C 18 14.34 -3.59 18.64
C ALA C 18 14.26 -2.23 17.96
N SER C 19 15.31 -1.42 18.17
CA SER C 19 15.41 -0.07 17.62
C SER C 19 15.24 -0.05 16.10
N GLY C 20 14.49 0.95 15.62
CA GLY C 20 14.24 1.13 14.18
C GLY C 20 13.16 0.24 13.60
N LEU C 21 12.42 -0.45 14.48
CA LEU C 21 11.44 -1.45 14.06
C LEU C 21 10.10 -1.29 14.75
N CYS C 22 9.04 -1.69 14.05
CA CYS C 22 7.69 -1.72 14.59
C CYS C 22 7.08 -3.14 14.48
N CYS C 23 5.99 -3.38 15.19
CA CYS C 23 5.30 -4.66 15.15
C CYS C 23 4.13 -4.61 14.14
N ALA C 24 4.24 -5.40 13.07
CA ALA C 24 3.27 -5.35 11.99
C ALA C 24 2.71 -6.72 11.62
N ARG C 25 1.43 -6.75 11.30
CA ARG C 25 0.72 -7.95 10.92
C ARG C 25 1.16 -8.42 9.54
N HIS C 26 1.71 -9.62 9.48
CA HIS C 26 2.00 -10.26 8.22
C HIS C 26 1.32 -11.60 8.13
N PHE C 27 0.31 -11.66 7.26
CA PHE C 27 -0.61 -12.79 7.19
C PHE C 27 -1.36 -12.89 8.50
N TRP C 28 -1.37 -14.08 9.07
CA TRP C 28 -2.14 -14.38 10.27
C TRP C 28 -1.26 -14.40 11.51
N SER C 29 -0.25 -13.56 11.51
CA SER C 29 0.66 -13.40 12.62
C SER C 29 1.34 -12.03 12.57
N LYS C 30 2.02 -11.64 13.63
CA LYS C 30 2.74 -10.36 13.65
C LYS C 30 4.24 -10.57 13.77
N ILE C 31 4.99 -9.81 12.99
CA ILE C 31 6.44 -9.92 12.97
C ILE C 31 7.03 -8.52 13.02
N CYS C 32 8.28 -8.42 13.49
CA CYS C 32 8.95 -7.13 13.54
C CYS C 32 9.37 -6.70 12.15
N LYS C 33 8.73 -5.65 11.65
CA LYS C 33 9.07 -5.07 10.35
C LYS C 33 9.82 -3.76 10.56
N PRO C 34 10.60 -3.33 9.55
CA PRO C 34 11.36 -2.08 9.70
C PRO C 34 10.46 -0.85 9.54
N VAL C 35 10.79 0.23 10.27
CA VAL C 35 10.06 1.49 10.12
C VAL C 35 10.39 2.15 8.78
N LEU C 36 9.41 2.82 8.20
CA LEU C 36 9.57 3.40 6.88
C LEU C 36 10.42 4.66 6.91
N LYS C 37 11.45 4.68 6.07
CA LYS C 37 12.34 5.83 5.93
C LYS C 37 11.89 6.69 4.74
N GLU C 38 12.64 7.74 4.43
CA GLU C 38 12.21 8.76 3.45
C GLU C 38 11.94 8.18 2.07
N GLY C 39 10.88 8.69 1.42
CA GLY C 39 10.55 8.29 0.05
C GLY C 39 9.82 6.97 -0.10
N GLN C 40 9.99 6.08 0.88
CA GLN C 40 9.34 4.77 0.88
C GLN C 40 7.82 4.94 0.98
N VAL C 41 7.09 4.16 0.19
CA VAL C 41 5.62 4.19 0.16
C VAL C 41 5.01 3.77 1.50
N CYS C 42 4.02 4.53 1.96
CA CYS C 42 3.30 4.24 3.20
C CYS C 42 1.79 4.12 2.99
N THR C 43 1.10 3.34 3.82
CA THR C 43 -0.32 3.08 3.62
C THR C 43 -1.18 4.28 3.98
N LYS C 44 -2.09 4.64 3.07
CA LYS C 44 -3.12 5.62 3.31
C LYS C 44 -4.44 4.90 3.13
N HIS C 45 -5.16 4.70 4.24
CA HIS C 45 -6.40 3.93 4.24
C HIS C 45 -7.57 4.81 3.77
N ARG C 46 -8.17 4.44 2.65
CA ARG C 46 -9.30 5.18 2.09
C ARG C 46 -10.51 5.13 3.01
N ARG C 47 -10.88 3.92 3.44
CA ARG C 47 -11.87 3.77 4.49
C ARG C 47 -11.29 3.18 5.78
N LYS C 48 -11.84 3.61 6.91
CA LYS C 48 -11.45 3.10 8.22
C LYS C 48 -11.93 1.66 8.29
N GLY C 49 -11.06 0.75 8.70
CA GLY C 49 -11.42 -0.66 8.68
C GLY C 49 -10.66 -1.39 7.60
N SER C 50 -10.24 -0.66 6.57
CA SER C 50 -9.20 -1.14 5.69
C SER C 50 -7.96 -1.36 6.52
N HIS C 51 -7.83 -0.54 7.58
CA HIS C 51 -6.77 -0.70 8.58
C HIS C 51 -6.91 -2.05 9.29
N GLY C 52 -8.14 -2.37 9.71
CA GLY C 52 -8.46 -3.62 10.37
C GLY C 52 -8.27 -4.81 9.45
N LEU C 53 -8.81 -4.71 8.24
CA LEU C 53 -8.69 -5.76 7.24
C LEU C 53 -7.26 -6.08 6.82
N GLU C 54 -6.39 -5.06 6.85
CA GLU C 54 -4.98 -5.18 6.48
C GLU C 54 -4.29 -6.38 7.12
N ILE C 55 -3.79 -7.25 6.27
CA ILE C 55 -3.11 -8.48 6.67
C ILE C 55 -1.62 -8.35 6.30
N PHE C 56 -1.33 -7.34 5.49
CA PHE C 56 0.03 -7.05 5.06
C PHE C 56 0.36 -5.61 5.44
N GLN C 57 0.32 -5.32 6.73
CA GLN C 57 0.45 -3.94 7.16
C GLN C 57 1.89 -3.43 7.12
N ARG C 58 2.04 -2.19 6.69
CA ARG C 58 3.31 -1.50 6.71
C ARG C 58 3.51 -0.87 8.09
N CYS C 59 4.75 -0.55 8.43
CA CYS C 59 5.01 0.23 9.62
C CYS C 59 4.59 1.70 9.43
N TYR C 60 4.74 2.51 10.47
CA TYR C 60 4.55 3.95 10.37
C TYR C 60 5.83 4.60 9.82
N CYS C 61 5.83 5.92 9.64
CA CYS C 61 7.03 6.59 9.14
C CYS C 61 8.04 6.82 10.28
N GLY C 62 9.25 7.23 9.92
CA GLY C 62 10.35 7.36 10.87
C GLY C 62 10.31 8.51 11.84
N GLU C 63 11.47 8.79 12.44
CA GLU C 63 11.65 9.75 13.53
C GLU C 63 11.16 11.17 13.23
N GLY C 64 11.56 11.72 12.08
CA GLY C 64 11.15 13.07 11.68
C GLY C 64 10.40 13.10 10.38
N LEU C 65 9.58 12.07 10.16
CA LEU C 65 8.93 11.86 8.88
C LEU C 65 7.41 11.81 8.97
N SER C 66 6.74 12.03 7.83
CA SER C 66 5.28 12.13 7.78
C SER C 66 4.73 11.51 6.48
N CYS C 67 3.59 10.83 6.59
CA CYS C 67 3.02 10.07 5.47
C CYS C 67 2.02 10.88 4.65
N ARG C 68 2.49 11.45 3.54
CA ARG C 68 1.63 12.25 2.67
C ARG C 68 1.80 11.94 1.19
N ILE C 69 0.91 12.52 0.38
CA ILE C 69 0.79 12.26 -1.06
C ILE C 69 1.96 12.82 -1.88
N GLN C 70 2.25 12.18 -3.01
CA GLN C 70 3.28 12.66 -3.94
C GLN C 70 2.84 13.93 -4.68
N SER C 80 -5.25 9.22 -9.55
CA SER C 80 -5.16 8.30 -8.41
C SER C 80 -3.70 7.96 -8.04
N ARG C 81 -3.12 8.77 -7.17
CA ARG C 81 -1.70 8.68 -6.80
C ARG C 81 -1.48 7.97 -5.47
N LEU C 82 -0.21 7.87 -5.06
CA LEU C 82 0.15 7.15 -3.84
C LEU C 82 0.93 7.99 -2.84
N HIS C 83 1.15 7.44 -1.66
CA HIS C 83 1.67 8.19 -0.52
C HIS C 83 3.04 7.70 -0.05
N THR C 84 3.92 8.64 0.28
CA THR C 84 5.27 8.31 0.69
C THR C 84 5.63 9.00 2.00
N CYS C 85 6.60 8.46 2.71
CA CYS C 85 7.13 9.13 3.89
C CYS C 85 7.94 10.34 3.45
N GLN C 86 7.40 11.54 3.72
CA GLN C 86 8.10 12.81 3.51
C GLN C 86 8.54 13.38 4.87
N ARG C 87 8.49 14.70 5.05
CA ARG C 87 8.91 15.32 6.32
C ARG C 87 8.29 16.70 6.53
#